data_3HDO
#
_entry.id   3HDO
#
_cell.length_a   46.370
_cell.length_b   90.075
_cell.length_c   77.522
_cell.angle_alpha   90.00
_cell.angle_beta   92.39
_cell.angle_gamma   90.00
#
_symmetry.space_group_name_H-M   'P 1 21 1'
#
loop_
_entity.id
_entity.type
_entity.pdbx_description
1 polymer 'Histidinol-phosphate aminotransferase'
2 non-polymer GLYCEROL
3 non-polymer 'MAGNESIUM ION'
4 water water
#
_entity_poly.entity_id   1
_entity_poly.type   'polypeptide(L)'
_entity_poly.pdbx_seq_one_letter_code
;(MSE)SLIPLRQNIAS(MSE)KGYIPGYQPPDIASWIKLNTNENPYPPSPEVVKAILEELGPDGAALRIYPSASSQKLRE
VAGELYGFDPSWII(MSE)ANGSDEVLNNLIRAFAAEGEEIGYVHPSYSYYGTLAEVQGARVRTFGLTGDFRIAGFPERY
EGKVFFLTTPNAPLGPSFPLEYIDELARRCAG(MSE)LVLDETYAEFAESNALELVRRHENVVVTRTLSKSYSLAG
(MSE)RIGLAIARPEVIAALDKIRDHYNLDRLAQAACVAALRDQAYLSECCRRIRETREWFTTELRSIGYDVIPSQGNYL
FATPPDRDGKRVYDGLYARKVLVRHFSDPLLAHG(MSE)RISIGTREE(MSE)EQTLAALKEIGEGHHHHHH
;
_entity_poly.pdbx_strand_id   A,B
#
# COMPACT_ATOMS: atom_id res chain seq x y z
N ILE A 4 12.77 -20.92 11.06
CA ILE A 4 11.63 -20.00 10.77
C ILE A 4 10.45 -20.83 10.24
N PRO A 5 9.32 -20.83 10.99
CA PRO A 5 8.11 -21.57 10.63
C PRO A 5 7.24 -20.94 9.54
N LEU A 6 7.84 -20.69 8.38
CA LEU A 6 7.11 -20.09 7.26
C LEU A 6 6.22 -21.09 6.55
N ARG A 7 5.11 -20.62 5.99
CA ARG A 7 4.21 -21.49 5.23
C ARG A 7 5.11 -22.03 4.12
N GLN A 8 4.91 -23.29 3.73
CA GLN A 8 5.77 -23.86 2.70
C GLN A 8 5.83 -23.08 1.40
N ASN A 9 4.68 -22.62 0.91
CA ASN A 9 4.66 -21.87 -0.34
C ASN A 9 5.48 -20.59 -0.25
N ILE A 10 5.48 -19.98 0.93
CA ILE A 10 6.23 -18.75 1.15
C ILE A 10 7.73 -19.04 1.19
N ALA A 11 8.10 -20.12 1.87
CA ALA A 11 9.50 -20.50 1.97
C ALA A 11 10.10 -20.85 0.61
N SER A 12 9.32 -21.53 -0.23
CA SER A 12 9.80 -21.97 -1.54
C SER A 12 9.73 -20.97 -2.70
N LYS A 14 10.05 -17.69 -5.14
CA LYS A 14 11.13 -16.78 -5.47
C LYS A 14 10.50 -15.39 -5.53
N GLY A 15 11.19 -14.39 -4.99
CA GLY A 15 10.64 -13.05 -5.05
C GLY A 15 10.67 -12.52 -6.46
N TYR A 16 9.80 -11.58 -6.77
CA TYR A 16 9.72 -10.99 -8.10
C TYR A 16 11.10 -10.50 -8.54
N ILE A 17 11.47 -10.82 -9.78
CA ILE A 17 12.76 -10.40 -10.32
C ILE A 17 12.54 -9.32 -11.38
N PRO A 18 12.80 -8.05 -11.04
CA PRO A 18 12.63 -6.92 -11.93
C PRO A 18 13.68 -6.87 -13.03
N GLY A 19 13.43 -6.03 -14.04
CA GLY A 19 14.41 -5.89 -15.11
C GLY A 19 15.63 -5.22 -14.52
N TYR A 20 16.80 -5.48 -15.08
CA TYR A 20 18.02 -4.87 -14.55
C TYR A 20 18.05 -3.35 -14.74
N GLN A 21 18.61 -2.65 -13.76
CA GLN A 21 18.74 -1.20 -13.82
C GLN A 21 19.86 -0.71 -12.90
N PRO A 22 20.83 0.05 -13.45
CA PRO A 22 21.96 0.57 -12.68
C PRO A 22 21.58 1.73 -11.75
N PRO A 23 22.27 1.86 -10.62
CA PRO A 23 22.03 2.89 -9.60
C PRO A 23 22.14 4.35 -10.06
N ASP A 24 23.16 4.66 -10.87
CA ASP A 24 23.35 6.02 -11.36
C ASP A 24 23.02 6.14 -12.83
N ILE A 25 21.80 6.59 -13.13
CA ILE A 25 21.35 6.74 -14.50
C ILE A 25 20.83 8.15 -14.79
N ALA A 26 21.34 9.13 -14.06
CA ALA A 26 20.92 10.52 -14.24
C ALA A 26 21.26 11.00 -15.64
N SER A 27 22.40 10.56 -16.17
CA SER A 27 22.83 10.97 -17.50
C SER A 27 22.45 9.94 -18.56
N TRP A 28 21.50 9.07 -18.21
CA TRP A 28 21.03 8.03 -19.13
C TRP A 28 19.68 8.34 -19.75
N ILE A 29 19.42 7.71 -20.89
CA ILE A 29 18.13 7.81 -21.56
C ILE A 29 17.47 6.54 -21.03
N LYS A 30 16.47 6.73 -20.17
CA LYS A 30 15.77 5.62 -19.51
C LYS A 30 14.47 5.21 -20.20
N LEU A 31 14.50 4.05 -20.84
CA LEU A 31 13.34 3.54 -21.58
C LEU A 31 13.10 2.07 -21.23
N ASN A 32 13.20 1.73 -19.94
CA ASN A 32 13.05 0.34 -19.52
C ASN A 32 11.84 -0.04 -18.67
N THR A 33 11.08 0.93 -18.18
CA THR A 33 9.93 0.60 -17.34
C THR A 33 8.64 1.31 -17.75
N ASN A 34 8.60 1.76 -18.99
CA ASN A 34 7.43 2.43 -19.55
C ASN A 34 6.96 3.65 -18.78
N GLU A 35 7.90 4.40 -18.21
CA GLU A 35 7.56 5.61 -17.50
C GLU A 35 7.25 6.70 -18.53
N ASN A 36 6.36 7.61 -18.17
CA ASN A 36 5.97 8.70 -19.06
C ASN A 36 7.15 9.66 -19.21
N PRO A 37 7.38 10.17 -20.43
CA PRO A 37 8.50 11.10 -20.61
C PRO A 37 8.21 12.52 -20.12
N TYR A 38 6.94 12.81 -19.86
CA TYR A 38 6.53 14.13 -19.43
C TYR A 38 6.13 14.24 -17.96
N PRO A 39 6.21 15.45 -17.39
CA PRO A 39 5.84 15.63 -15.98
C PRO A 39 4.34 15.46 -15.83
N PRO A 40 3.88 15.29 -14.59
CA PRO A 40 2.43 15.14 -14.38
C PRO A 40 1.79 16.50 -14.63
N SER A 41 0.47 16.56 -14.61
CA SER A 41 -0.24 17.82 -14.82
C SER A 41 0.18 18.89 -13.84
N PRO A 42 0.23 20.15 -14.30
CA PRO A 42 0.61 21.25 -13.41
C PRO A 42 -0.40 21.35 -12.26
N GLU A 43 -1.63 20.90 -12.51
CA GLU A 43 -2.68 20.93 -11.51
C GLU A 43 -2.36 19.96 -10.37
N VAL A 44 -1.66 18.88 -10.71
CA VAL A 44 -1.28 17.89 -9.72
C VAL A 44 -0.23 18.49 -8.77
N VAL A 45 0.75 19.19 -9.33
CA VAL A 45 1.77 19.83 -8.52
C VAL A 45 1.11 20.82 -7.57
N LYS A 46 0.18 21.61 -8.09
CA LYS A 46 -0.56 22.59 -7.29
C LYS A 46 -1.33 21.92 -6.15
N ALA A 47 -2.03 20.85 -6.49
CA ALA A 47 -2.83 20.12 -5.50
C ALA A 47 -1.99 19.58 -4.37
N ILE A 48 -0.82 19.05 -4.72
CA ILE A 48 0.09 18.49 -3.73
C ILE A 48 0.63 19.61 -2.83
N LEU A 49 1.02 20.72 -3.43
CA LEU A 49 1.54 21.85 -2.66
C LEU A 49 0.49 22.41 -1.70
N GLU A 50 -0.75 22.48 -2.16
CA GLU A 50 -1.84 23.01 -1.34
C GLU A 50 -2.13 22.12 -0.14
N GLU A 51 -2.16 20.81 -0.37
CA GLU A 51 -2.45 19.86 0.70
C GLU A 51 -1.31 19.84 1.71
N LEU A 52 -0.08 19.91 1.21
CA LEU A 52 1.09 19.91 2.11
C LEU A 52 1.09 21.15 2.98
N GLY A 53 0.78 22.30 2.38
CA GLY A 53 0.77 23.54 3.12
C GLY A 53 2.18 24.01 3.45
N PRO A 54 2.30 25.13 4.17
CA PRO A 54 3.61 25.67 4.56
C PRO A 54 4.38 24.87 5.61
N ASP A 55 3.66 24.15 6.47
CA ASP A 55 4.30 23.39 7.54
C ASP A 55 3.92 21.91 7.59
N GLY A 56 3.20 21.44 6.58
CA GLY A 56 2.80 20.04 6.54
C GLY A 56 1.85 19.62 7.66
N ALA A 57 1.23 20.58 8.32
CA ALA A 57 0.31 20.28 9.41
C ALA A 57 -0.77 19.26 9.06
N ALA A 58 -1.28 19.33 7.83
CA ALA A 58 -2.32 18.40 7.40
C ALA A 58 -1.90 16.94 7.43
N LEU A 59 -0.60 16.68 7.32
CA LEU A 59 -0.10 15.31 7.32
C LEU A 59 -0.22 14.61 8.67
N ARG A 60 -0.54 15.33 9.73
CA ARG A 60 -0.68 14.69 11.03
C ARG A 60 -2.05 14.01 11.14
N ILE A 61 -2.93 14.32 10.19
CA ILE A 61 -4.28 13.77 10.17
C ILE A 61 -4.41 12.66 9.13
N TYR A 62 -5.07 11.56 9.51
CA TYR A 62 -5.28 10.44 8.60
C TYR A 62 -6.01 10.88 7.35
N PRO A 63 -5.73 10.20 6.22
CA PRO A 63 -6.38 10.51 4.95
C PRO A 63 -7.79 9.95 4.91
N SER A 64 -8.45 10.12 3.78
CA SER A 64 -9.79 9.61 3.62
C SER A 64 -9.67 8.10 3.45
N ALA A 65 -10.25 7.36 4.39
CA ALA A 65 -10.19 5.90 4.32
C ALA A 65 -10.93 5.39 3.09
N SER A 66 -12.03 6.05 2.76
CA SER A 66 -12.86 5.65 1.63
C SER A 66 -12.39 6.13 0.26
N SER A 67 -11.70 7.27 0.22
CA SER A 67 -11.25 7.83 -1.05
C SER A 67 -12.49 8.09 -1.89
N GLN A 68 -13.61 8.31 -1.22
CA GLN A 68 -14.89 8.54 -1.89
C GLN A 68 -14.84 9.63 -2.96
N LYS A 69 -14.17 10.74 -2.66
CA LYS A 69 -14.08 11.84 -3.62
C LYS A 69 -13.39 11.40 -4.90
N LEU A 70 -12.38 10.56 -4.77
CA LEU A 70 -11.65 10.04 -5.92
C LEU A 70 -12.57 9.15 -6.75
N ARG A 71 -13.38 8.34 -6.07
CA ARG A 71 -14.29 7.43 -6.77
C ARG A 71 -15.36 8.23 -7.54
N GLU A 72 -15.78 9.35 -6.97
CA GLU A 72 -16.77 10.19 -7.61
C GLU A 72 -16.21 10.81 -8.88
N VAL A 73 -14.98 11.28 -8.81
CA VAL A 73 -14.32 11.89 -9.97
C VAL A 73 -14.08 10.84 -11.04
N ALA A 74 -13.58 9.67 -10.64
CA ALA A 74 -13.33 8.60 -11.59
C ALA A 74 -14.65 8.13 -12.19
N GLY A 75 -15.70 8.11 -11.37
CA GLY A 75 -17.01 7.69 -11.84
C GLY A 75 -17.54 8.58 -12.94
N GLU A 76 -17.35 9.90 -12.78
CA GLU A 76 -17.81 10.83 -13.78
C GLU A 76 -16.98 10.71 -15.06
N LEU A 77 -15.69 10.45 -14.92
CA LEU A 77 -14.81 10.30 -16.07
C LEU A 77 -15.17 9.08 -16.91
N TYR A 78 -15.41 7.94 -16.24
CA TYR A 78 -15.70 6.69 -16.93
C TYR A 78 -17.18 6.36 -17.11
N GLY A 79 -18.05 7.14 -16.50
CA GLY A 79 -19.48 6.89 -16.63
C GLY A 79 -20.00 5.73 -15.78
N PHE A 80 -19.47 5.61 -14.56
CA PHE A 80 -19.88 4.56 -13.64
C PHE A 80 -20.25 5.14 -12.29
N ASP A 81 -21.18 4.50 -11.60
CA ASP A 81 -21.56 4.96 -10.27
C ASP A 81 -20.34 4.68 -9.39
N PRO A 82 -20.06 5.55 -8.41
CA PRO A 82 -18.91 5.38 -7.52
C PRO A 82 -18.84 4.03 -6.80
N SER A 83 -19.99 3.37 -6.67
CA SER A 83 -20.04 2.08 -5.99
C SER A 83 -19.41 0.98 -6.83
N TRP A 84 -19.15 1.29 -8.10
CA TRP A 84 -18.53 0.34 -9.03
C TRP A 84 -17.04 0.58 -9.09
N ILE A 85 -16.51 1.44 -8.22
CA ILE A 85 -15.10 1.77 -8.24
C ILE A 85 -14.41 1.68 -6.88
N ILE A 86 -13.15 1.28 -6.88
CA ILE A 86 -12.37 1.22 -5.66
C ILE A 86 -10.97 1.75 -5.97
N ALA A 88 -6.79 2.35 -5.04
CA ALA A 88 -5.70 1.55 -4.47
C ALA A 88 -4.35 2.26 -4.60
N ASN A 89 -3.38 1.82 -3.79
CA ASN A 89 -2.03 2.38 -3.84
C ASN A 89 -1.33 1.59 -4.94
N GLY A 90 -1.68 1.91 -6.18
CA GLY A 90 -1.12 1.22 -7.32
C GLY A 90 -2.04 0.08 -7.68
N SER A 91 -2.08 -0.35 -8.94
CA SER A 91 -2.97 -1.44 -9.30
C SER A 91 -2.50 -2.82 -8.80
N ASP A 92 -1.23 -2.94 -8.43
CA ASP A 92 -0.74 -4.23 -7.90
C ASP A 92 -1.59 -4.59 -6.68
N GLU A 93 -1.95 -3.58 -5.90
CA GLU A 93 -2.78 -3.82 -4.71
C GLU A 93 -4.11 -4.46 -5.06
N VAL A 94 -4.78 -3.97 -6.09
CA VAL A 94 -6.07 -4.56 -6.46
C VAL A 94 -5.90 -5.93 -7.09
N LEU A 95 -4.81 -6.13 -7.83
CA LEU A 95 -4.55 -7.43 -8.44
C LEU A 95 -4.40 -8.44 -7.31
N ASN A 96 -3.62 -8.07 -6.30
CA ASN A 96 -3.40 -8.92 -5.14
C ASN A 96 -4.71 -9.24 -4.41
N ASN A 97 -5.51 -8.21 -4.15
CA ASN A 97 -6.75 -8.43 -3.43
C ASN A 97 -7.81 -9.20 -4.23
N LEU A 98 -7.73 -9.16 -5.55
CA LEU A 98 -8.67 -9.92 -6.36
C LEU A 98 -8.36 -11.41 -6.15
N ILE A 99 -7.07 -11.73 -6.04
CA ILE A 99 -6.68 -13.10 -5.81
C ILE A 99 -7.13 -13.52 -4.41
N ARG A 100 -6.93 -12.65 -3.42
CA ARG A 100 -7.33 -12.99 -2.05
C ARG A 100 -8.85 -13.11 -1.92
N ALA A 101 -9.59 -12.42 -2.78
CA ALA A 101 -11.04 -12.46 -2.70
C ALA A 101 -11.65 -13.69 -3.37
N PHE A 102 -11.04 -14.13 -4.47
CA PHE A 102 -11.59 -15.24 -5.24
C PHE A 102 -10.86 -16.58 -5.27
N ALA A 103 -9.55 -16.57 -5.03
CA ALA A 103 -8.78 -17.80 -5.10
C ALA A 103 -8.18 -18.26 -3.78
N ALA A 104 -8.73 -19.32 -3.21
CA ALA A 104 -8.21 -19.86 -1.97
C ALA A 104 -6.95 -20.64 -2.31
N GLU A 105 -6.14 -20.95 -1.30
CA GLU A 105 -4.92 -21.72 -1.53
C GLU A 105 -5.33 -23.02 -2.22
N GLY A 106 -4.57 -23.42 -3.23
CA GLY A 106 -4.89 -24.65 -3.95
C GLY A 106 -5.71 -24.43 -5.20
N GLU A 107 -6.39 -23.29 -5.29
CA GLU A 107 -7.19 -23.00 -6.47
C GLU A 107 -6.28 -22.38 -7.53
N GLU A 108 -6.76 -22.28 -8.76
CA GLU A 108 -5.95 -21.78 -9.86
C GLU A 108 -6.27 -20.40 -10.40
N ILE A 109 -5.24 -19.71 -10.87
CA ILE A 109 -5.42 -18.42 -11.52
C ILE A 109 -4.57 -18.55 -12.78
N GLY A 110 -4.89 -17.77 -13.80
CA GLY A 110 -4.13 -17.87 -15.02
C GLY A 110 -3.89 -16.55 -15.70
N TYR A 111 -2.99 -16.56 -16.67
CA TYR A 111 -2.66 -15.37 -17.44
C TYR A 111 -1.90 -15.75 -18.69
N VAL A 112 -1.67 -14.76 -19.55
CA VAL A 112 -0.97 -14.97 -20.81
C VAL A 112 0.54 -14.90 -20.68
N HIS A 113 1.21 -15.79 -21.40
CA HIS A 113 2.66 -15.82 -21.46
C HIS A 113 2.96 -15.39 -22.88
N PRO A 114 3.61 -14.22 -23.06
CA PRO A 114 4.12 -13.28 -22.06
C PRO A 114 3.20 -12.11 -21.70
N SER A 115 3.23 -11.73 -20.43
CA SER A 115 2.48 -10.57 -19.96
C SER A 115 3.16 -10.13 -18.66
N TYR A 116 2.40 -9.92 -17.60
CA TYR A 116 2.96 -9.47 -16.32
C TYR A 116 3.22 -10.65 -15.40
N SER A 117 4.49 -11.09 -15.34
CA SER A 117 4.85 -12.24 -14.51
C SER A 117 4.50 -12.07 -13.03
N TYR A 118 4.29 -10.83 -12.60
CA TYR A 118 3.95 -10.60 -11.20
C TYR A 118 2.60 -11.21 -10.83
N TYR A 119 1.75 -11.48 -11.82
CA TYR A 119 0.46 -12.11 -11.51
C TYR A 119 0.77 -13.44 -10.83
N GLY A 120 1.82 -14.10 -11.30
CA GLY A 120 2.23 -15.39 -10.74
C GLY A 120 2.84 -15.26 -9.35
N THR A 121 3.61 -14.21 -9.14
CA THR A 121 4.25 -14.00 -7.85
C THR A 121 3.14 -13.81 -6.81
N LEU A 122 2.13 -13.03 -7.16
CA LEU A 122 1.01 -12.79 -6.26
C LEU A 122 0.26 -14.09 -5.98
N ALA A 123 0.12 -14.92 -7.01
CA ALA A 123 -0.56 -16.21 -6.85
C ALA A 123 0.23 -17.08 -5.88
N GLU A 124 1.55 -17.06 -6.02
CA GLU A 124 2.42 -17.84 -5.16
C GLU A 124 2.27 -17.48 -3.69
N VAL A 125 2.13 -16.19 -3.39
CA VAL A 125 1.98 -15.75 -2.01
C VAL A 125 0.69 -16.34 -1.42
N GLN A 126 -0.36 -16.32 -2.23
CA GLN A 126 -1.66 -16.84 -1.81
C GLN A 126 -1.63 -18.36 -1.69
N GLY A 127 -0.80 -19.00 -2.51
CA GLY A 127 -0.74 -20.45 -2.51
C GLY A 127 -1.62 -20.99 -3.63
N ALA A 128 -1.97 -20.11 -4.58
CA ALA A 128 -2.79 -20.50 -5.70
C ALA A 128 -1.93 -21.09 -6.81
N ARG A 129 -2.47 -22.07 -7.53
CA ARG A 129 -1.75 -22.69 -8.63
C ARG A 129 -1.79 -21.71 -9.79
N VAL A 130 -0.80 -21.79 -10.68
CA VAL A 130 -0.73 -20.90 -11.82
C VAL A 130 -0.67 -21.64 -13.15
N ARG A 131 -1.50 -21.22 -14.09
CA ARG A 131 -1.48 -21.80 -15.42
C ARG A 131 -1.36 -20.65 -16.42
N THR A 132 -0.39 -20.75 -17.32
CA THR A 132 -0.22 -19.70 -18.32
C THR A 132 -0.49 -20.28 -19.71
N PHE A 133 -0.89 -19.40 -20.62
CA PHE A 133 -1.20 -19.77 -21.99
C PHE A 133 -0.43 -18.86 -22.94
N GLY A 134 0.08 -19.43 -24.03
CA GLY A 134 0.80 -18.63 -25.00
C GLY A 134 -0.16 -18.00 -25.99
N LEU A 135 0.38 -17.24 -26.94
CA LEU A 135 -0.44 -16.58 -27.95
C LEU A 135 -0.21 -17.19 -29.32
N THR A 136 -1.19 -17.04 -30.20
CA THR A 136 -1.08 -17.57 -31.57
C THR A 136 -0.58 -16.43 -32.45
N GLY A 137 -0.37 -16.73 -33.72
CA GLY A 137 0.11 -15.71 -34.64
C GLY A 137 -0.87 -14.57 -34.81
N ASP A 138 -2.16 -14.85 -34.63
CA ASP A 138 -3.20 -13.84 -34.77
C ASP A 138 -3.60 -13.21 -33.44
N PHE A 139 -2.66 -13.23 -32.50
CA PHE A 139 -2.84 -12.66 -31.17
C PHE A 139 -4.07 -13.11 -30.38
N ARG A 140 -4.34 -14.42 -30.41
CA ARG A 140 -5.44 -14.99 -29.64
C ARG A 140 -4.75 -15.98 -28.71
N ILE A 141 -5.42 -16.37 -27.63
CA ILE A 141 -4.81 -17.30 -26.68
C ILE A 141 -4.77 -18.72 -27.23
N ALA A 142 -3.57 -19.28 -27.29
CA ALA A 142 -3.36 -20.63 -27.80
C ALA A 142 -3.72 -21.70 -26.77
N GLY A 143 -4.48 -22.68 -27.20
CA GLY A 143 -4.87 -23.77 -26.33
C GLY A 143 -5.77 -23.40 -25.17
N PHE A 144 -6.51 -22.30 -25.30
CA PHE A 144 -7.42 -21.91 -24.23
C PHE A 144 -8.54 -22.94 -24.22
N PRO A 145 -8.93 -23.44 -23.04
CA PRO A 145 -10.00 -24.44 -22.96
C PRO A 145 -11.37 -23.89 -23.35
N GLU A 146 -12.30 -24.79 -23.67
CA GLU A 146 -13.65 -24.37 -24.05
C GLU A 146 -14.21 -23.54 -22.90
N ARG A 147 -13.88 -23.95 -21.68
CA ARG A 147 -14.31 -23.24 -20.48
C ARG A 147 -13.15 -23.25 -19.49
N TYR A 148 -12.72 -22.07 -19.07
CA TYR A 148 -11.62 -21.94 -18.13
C TYR A 148 -12.19 -22.01 -16.71
N GLU A 149 -11.69 -22.96 -15.92
CA GLU A 149 -12.19 -23.15 -14.57
C GLU A 149 -11.44 -22.43 -13.45
N GLY A 150 -10.35 -21.74 -13.80
CA GLY A 150 -9.59 -21.02 -12.79
C GLY A 150 -10.45 -19.93 -12.15
N LYS A 151 -10.14 -19.59 -10.91
CA LYS A 151 -10.92 -18.58 -10.20
C LYS A 151 -10.71 -17.17 -10.72
N VAL A 152 -9.54 -16.91 -11.30
CA VAL A 152 -9.24 -15.59 -11.85
C VAL A 152 -8.30 -15.72 -13.03
N PHE A 153 -8.59 -14.98 -14.10
CA PHE A 153 -7.73 -14.98 -15.26
C PHE A 153 -7.36 -13.51 -15.49
N PHE A 154 -6.07 -13.25 -15.58
CA PHE A 154 -5.56 -11.89 -15.77
C PHE A 154 -5.17 -11.68 -17.22
N LEU A 155 -5.82 -10.73 -17.87
CA LEU A 155 -5.53 -10.41 -19.26
C LEU A 155 -5.01 -9.00 -19.37
N THR A 156 -3.73 -8.84 -19.67
CA THR A 156 -3.13 -7.52 -19.82
C THR A 156 -3.55 -7.03 -21.21
N THR A 157 -4.25 -5.90 -21.26
CA THR A 157 -4.73 -5.35 -22.51
C THR A 157 -4.79 -3.82 -22.48
N PRO A 158 -3.98 -3.12 -23.29
CA PRO A 158 -3.01 -3.64 -24.26
C PRO A 158 -2.01 -4.59 -23.59
N ASN A 159 -1.56 -5.59 -24.34
CA ASN A 159 -0.58 -6.51 -23.78
C ASN A 159 0.81 -5.91 -23.76
N ALA A 160 1.48 -6.11 -22.64
CA ALA A 160 2.86 -5.70 -22.47
C ALA A 160 3.45 -7.09 -22.24
N PRO A 161 4.64 -7.37 -22.78
CA PRO A 161 5.54 -6.54 -23.59
C PRO A 161 5.30 -6.43 -25.10
N LEU A 162 4.34 -7.17 -25.65
CA LEU A 162 4.12 -7.16 -27.09
C LEU A 162 3.48 -5.93 -27.72
N GLY A 163 2.49 -5.33 -27.05
CA GLY A 163 1.87 -4.13 -27.59
C GLY A 163 0.40 -4.10 -28.01
N PRO A 164 -0.09 -5.12 -28.73
CA PRO A 164 -1.49 -5.14 -29.17
C PRO A 164 -2.58 -5.22 -28.11
N SER A 165 -3.73 -4.66 -28.43
CA SER A 165 -4.90 -4.72 -27.54
C SER A 165 -5.67 -5.94 -28.03
N PHE A 166 -6.44 -6.56 -27.14
CA PHE A 166 -7.28 -7.68 -27.55
C PHE A 166 -8.61 -7.05 -27.94
N PRO A 167 -9.14 -7.41 -29.11
CA PRO A 167 -10.43 -6.84 -29.56
C PRO A 167 -11.53 -7.06 -28.55
N LEU A 168 -12.41 -6.08 -28.40
CA LEU A 168 -13.50 -6.18 -27.46
C LEU A 168 -14.27 -7.48 -27.67
N GLU A 169 -14.53 -7.83 -28.93
CA GLU A 169 -15.27 -9.04 -29.26
C GLU A 169 -14.62 -10.30 -28.72
N TYR A 170 -13.29 -10.35 -28.76
CA TYR A 170 -12.57 -11.51 -28.27
C TYR A 170 -12.57 -11.54 -26.75
N ILE A 171 -12.43 -10.38 -26.12
CA ILE A 171 -12.46 -10.34 -24.66
C ILE A 171 -13.84 -10.77 -24.19
N ASP A 172 -14.86 -10.41 -24.96
CA ASP A 172 -16.23 -10.78 -24.64
C ASP A 172 -16.34 -12.31 -24.62
N GLU A 173 -15.72 -12.94 -25.62
CA GLU A 173 -15.74 -14.39 -25.71
C GLU A 173 -15.04 -15.00 -24.49
N LEU A 174 -13.91 -14.42 -24.11
CA LEU A 174 -13.17 -14.94 -22.96
C LEU A 174 -14.00 -14.78 -21.69
N ALA A 175 -14.72 -13.67 -21.55
CA ALA A 175 -15.54 -13.46 -20.37
C ALA A 175 -16.59 -14.56 -20.25
N ARG A 176 -17.18 -14.93 -21.39
CA ARG A 176 -18.21 -15.96 -21.41
C ARG A 176 -17.63 -17.36 -21.17
N ARG A 177 -16.34 -17.54 -21.48
CA ARG A 177 -15.68 -18.82 -21.30
C ARG A 177 -15.05 -18.99 -19.92
N CYS A 178 -14.98 -17.90 -19.15
CA CYS A 178 -14.37 -17.96 -17.82
C CYS A 178 -15.40 -18.24 -16.73
N ALA A 179 -15.19 -19.33 -16.00
CA ALA A 179 -16.08 -19.73 -14.91
C ALA A 179 -15.87 -18.83 -13.70
N GLY A 180 -14.69 -18.22 -13.62
CA GLY A 180 -14.39 -17.33 -12.52
C GLY A 180 -14.37 -15.89 -12.99
N LEU A 182 -12.63 -12.48 -14.72
CA LEU A 182 -11.74 -12.13 -15.81
C LEU A 182 -11.29 -10.71 -15.49
N VAL A 183 -10.00 -10.56 -15.24
CA VAL A 183 -9.45 -9.25 -14.90
C VAL A 183 -8.73 -8.64 -16.09
N LEU A 184 -9.23 -7.50 -16.53
CA LEU A 184 -8.64 -6.80 -17.66
C LEU A 184 -7.72 -5.72 -17.12
N ASP A 185 -6.42 -6.01 -17.15
CA ASP A 185 -5.39 -5.09 -16.67
C ASP A 185 -5.16 -4.06 -17.77
N GLU A 186 -5.77 -2.90 -17.61
CA GLU A 186 -5.67 -1.83 -18.61
C GLU A 186 -4.67 -0.72 -18.28
N THR A 187 -3.53 -1.13 -17.76
CA THR A 187 -2.44 -0.23 -17.40
C THR A 187 -2.03 0.68 -18.55
N TYR A 188 -2.12 0.16 -19.78
CA TYR A 188 -1.73 0.92 -20.95
C TYR A 188 -2.86 1.39 -21.85
N ALA A 189 -4.11 1.23 -21.39
CA ALA A 189 -5.27 1.60 -22.19
C ALA A 189 -5.38 3.06 -22.63
N GLU A 190 -4.83 3.98 -21.85
CA GLU A 190 -4.92 5.39 -22.24
C GLU A 190 -4.13 5.68 -23.52
N PHE A 191 -3.22 4.78 -23.89
CA PHE A 191 -2.41 4.96 -25.11
C PHE A 191 -3.03 4.23 -26.30
N ALA A 192 -4.08 3.47 -26.03
CA ALA A 192 -4.77 2.67 -27.05
C ALA A 192 -5.88 3.39 -27.78
N GLU A 193 -6.36 2.77 -28.85
CA GLU A 193 -7.45 3.31 -29.66
C GLU A 193 -8.80 3.07 -29.02
N SER A 194 -8.86 2.07 -28.15
CA SER A 194 -10.10 1.74 -27.47
C SER A 194 -9.80 0.92 -26.22
N ASN A 195 -10.84 0.67 -25.44
CA ASN A 195 -10.70 -0.11 -24.22
C ASN A 195 -11.91 -0.99 -24.00
N ALA A 196 -11.89 -1.77 -22.92
CA ALA A 196 -12.97 -2.71 -22.64
C ALA A 196 -13.88 -2.38 -21.45
N LEU A 197 -13.96 -1.11 -21.08
CA LEU A 197 -14.81 -0.71 -19.95
C LEU A 197 -16.25 -1.20 -20.09
N GLU A 198 -16.76 -1.22 -21.31
CA GLU A 198 -18.13 -1.64 -21.56
C GLU A 198 -18.42 -3.06 -21.05
N LEU A 199 -17.40 -3.91 -21.04
CA LEU A 199 -17.59 -5.29 -20.60
C LEU A 199 -17.88 -5.43 -19.11
N VAL A 200 -17.55 -4.40 -18.32
CA VAL A 200 -17.83 -4.45 -16.89
C VAL A 200 -19.35 -4.36 -16.73
N ARG A 201 -20.00 -3.63 -17.63
CA ARG A 201 -21.45 -3.47 -17.60
C ARG A 201 -22.14 -4.68 -18.21
N ARG A 202 -21.59 -5.17 -19.32
CA ARG A 202 -22.18 -6.31 -20.03
C ARG A 202 -22.14 -7.62 -19.24
N HIS A 203 -21.00 -7.90 -18.61
CA HIS A 203 -20.87 -9.13 -17.83
C HIS A 203 -20.89 -8.82 -16.34
N GLU A 204 -20.80 -9.88 -15.55
CA GLU A 204 -20.80 -9.75 -14.09
C GLU A 204 -19.45 -10.18 -13.54
N ASN A 205 -18.72 -10.94 -14.36
CA ASN A 205 -17.43 -11.48 -13.93
C ASN A 205 -16.22 -10.73 -14.49
N VAL A 206 -16.44 -9.52 -14.99
CA VAL A 206 -15.35 -8.74 -15.54
C VAL A 206 -14.96 -7.57 -14.65
N VAL A 207 -13.65 -7.39 -14.48
CA VAL A 207 -13.11 -6.29 -13.68
C VAL A 207 -12.03 -5.62 -14.51
N VAL A 208 -11.97 -4.29 -14.47
CA VAL A 208 -10.96 -3.55 -15.20
C VAL A 208 -10.08 -2.80 -14.22
N THR A 209 -8.76 -2.89 -14.37
CA THR A 209 -7.87 -2.15 -13.51
C THR A 209 -7.20 -1.05 -14.33
N ARG A 210 -6.95 0.09 -13.69
CA ARG A 210 -6.32 1.23 -14.33
C ARG A 210 -5.31 1.76 -13.32
N THR A 211 -4.33 2.51 -13.82
CA THR A 211 -3.34 3.11 -12.93
C THR A 211 -2.89 4.45 -13.51
N LEU A 212 -2.45 5.34 -12.63
CA LEU A 212 -1.98 6.65 -13.08
C LEU A 212 -0.46 6.63 -13.29
N SER A 213 0.15 5.47 -13.05
CA SER A 213 1.60 5.37 -13.17
C SER A 213 2.22 5.63 -14.53
N LYS A 214 1.56 5.18 -15.59
CA LYS A 214 2.10 5.35 -16.93
C LYS A 214 1.55 6.57 -17.66
N SER A 215 0.24 6.58 -17.87
CA SER A 215 -0.42 7.66 -18.60
C SER A 215 -0.51 9.01 -17.92
N TYR A 216 -0.51 9.02 -16.58
CA TYR A 216 -0.61 10.28 -15.85
C TYR A 216 0.71 10.73 -15.22
N SER A 217 1.81 10.09 -15.60
CA SER A 217 3.14 10.46 -15.11
C SER A 217 3.26 10.45 -13.59
N LEU A 218 2.64 9.47 -12.94
CA LEU A 218 2.71 9.40 -11.48
C LEU A 218 3.22 8.06 -10.94
N ALA A 219 4.17 7.48 -11.66
CA ALA A 219 4.75 6.20 -11.25
C ALA A 219 5.41 6.30 -9.88
N GLY A 220 5.83 7.51 -9.50
CA GLY A 220 6.46 7.71 -8.21
C GLY A 220 5.44 7.98 -7.11
N ARG A 222 2.22 5.91 -6.67
CA ARG A 222 1.32 4.85 -7.07
C ARG A 222 -0.14 4.99 -6.64
N ILE A 223 -0.97 5.23 -7.65
CA ILE A 223 -2.40 5.41 -7.49
C ILE A 223 -3.04 4.57 -8.57
N GLY A 224 -3.94 3.66 -8.19
CA GLY A 224 -4.61 2.82 -9.15
C GLY A 224 -6.06 2.66 -8.77
N LEU A 225 -6.81 1.93 -9.58
CA LEU A 225 -8.21 1.71 -9.27
C LEU A 225 -8.74 0.49 -10.02
N ALA A 226 -9.91 0.03 -9.61
CA ALA A 226 -10.55 -1.10 -10.26
C ALA A 226 -12.01 -0.74 -10.45
N ILE A 227 -12.57 -1.17 -11.58
CA ILE A 227 -13.97 -0.93 -11.88
C ILE A 227 -14.59 -2.31 -12.02
N ALA A 228 -15.66 -2.56 -11.29
CA ALA A 228 -16.31 -3.87 -11.32
C ALA A 228 -17.72 -3.75 -10.77
N ARG A 229 -18.47 -4.84 -10.78
CA ARG A 229 -19.82 -4.81 -10.24
C ARG A 229 -19.70 -4.44 -8.76
N PRO A 230 -20.68 -3.70 -8.22
CA PRO A 230 -20.70 -3.26 -6.83
C PRO A 230 -20.40 -4.36 -5.81
N GLU A 231 -20.91 -5.56 -6.07
CA GLU A 231 -20.70 -6.68 -5.17
C GLU A 231 -19.23 -7.07 -5.08
N VAL A 232 -18.51 -6.93 -6.19
CA VAL A 232 -17.09 -7.25 -6.23
C VAL A 232 -16.32 -6.17 -5.47
N ILE A 233 -16.67 -4.92 -5.74
CA ILE A 233 -16.04 -3.78 -5.09
C ILE A 233 -16.25 -3.88 -3.58
N ALA A 234 -17.46 -4.28 -3.18
CA ALA A 234 -17.78 -4.41 -1.76
C ALA A 234 -16.84 -5.39 -1.08
N ALA A 235 -16.53 -6.49 -1.74
CA ALA A 235 -15.62 -7.49 -1.17
C ALA A 235 -14.21 -6.92 -1.12
N LEU A 236 -13.79 -6.27 -2.18
CA LEU A 236 -12.45 -5.68 -2.22
C LEU A 236 -12.28 -4.62 -1.14
N ASP A 237 -13.38 -3.94 -0.79
CA ASP A 237 -13.31 -2.91 0.24
C ASP A 237 -13.10 -3.49 1.64
N LYS A 238 -13.51 -4.74 1.84
CA LYS A 238 -13.33 -5.38 3.15
C LYS A 238 -11.90 -5.91 3.30
N ILE A 239 -11.26 -6.19 2.17
CA ILE A 239 -9.91 -6.74 2.15
C ILE A 239 -8.79 -5.71 2.27
N ARG A 240 -8.92 -4.59 1.57
CA ARG A 240 -7.90 -3.55 1.59
C ARG A 240 -7.70 -2.95 2.97
N ASP A 241 -6.53 -2.35 3.20
CA ASP A 241 -6.26 -1.69 4.48
C ASP A 241 -7.18 -0.48 4.50
N HIS A 242 -7.70 -0.11 5.68
CA HIS A 242 -8.60 1.03 5.74
C HIS A 242 -8.00 2.34 5.21
N TYR A 243 -6.69 2.51 5.32
CA TYR A 243 -6.02 3.71 4.81
C TYR A 243 -4.97 3.26 3.78
N ASN A 244 -5.37 3.17 2.51
CA ASN A 244 -4.46 2.72 1.47
C ASN A 244 -3.89 3.79 0.53
N LEU A 245 -4.30 5.04 0.75
CA LEU A 245 -3.80 6.16 -0.06
C LEU A 245 -3.55 7.36 0.82
N ASP A 246 -2.34 7.91 0.75
CA ASP A 246 -2.01 9.06 1.58
C ASP A 246 -2.69 10.33 1.08
N ARG A 247 -2.66 11.36 1.91
CA ARG A 247 -3.27 12.65 1.59
C ARG A 247 -2.75 13.30 0.33
N LEU A 248 -1.44 13.22 0.10
CA LEU A 248 -0.88 13.85 -1.09
C LEU A 248 -1.31 13.09 -2.35
N ALA A 249 -1.42 11.76 -2.23
CA ALA A 249 -1.85 10.93 -3.36
C ALA A 249 -3.31 11.21 -3.69
N GLN A 250 -4.14 11.38 -2.67
CA GLN A 250 -5.55 11.66 -2.90
C GLN A 250 -5.70 13.02 -3.58
N ALA A 251 -4.87 13.99 -3.17
CA ALA A 251 -4.91 15.32 -3.76
C ALA A 251 -4.50 15.24 -5.23
N ALA A 252 -3.41 14.52 -5.48
CA ALA A 252 -2.88 14.36 -6.84
C ALA A 252 -3.85 13.64 -7.77
N CYS A 253 -4.49 12.58 -7.27
CA CYS A 253 -5.42 11.80 -8.08
C CYS A 253 -6.57 12.63 -8.64
N VAL A 254 -7.22 13.41 -7.78
CA VAL A 254 -8.34 14.23 -8.23
C VAL A 254 -7.89 15.20 -9.32
N ALA A 255 -6.75 15.85 -9.10
CA ALA A 255 -6.24 16.82 -10.07
C ALA A 255 -5.88 16.16 -11.38
N ALA A 256 -5.24 15.00 -11.31
CA ALA A 256 -4.83 14.26 -12.50
C ALA A 256 -6.01 13.83 -13.34
N LEU A 257 -7.00 13.21 -12.69
CA LEU A 257 -8.19 12.75 -13.40
C LEU A 257 -8.99 13.89 -14.00
N ARG A 258 -8.99 15.04 -13.36
CA ARG A 258 -9.74 16.17 -13.89
C ARG A 258 -9.08 16.86 -15.08
N ASP A 259 -7.76 16.78 -15.17
CA ASP A 259 -7.05 17.42 -16.27
C ASP A 259 -6.93 16.50 -17.48
N GLN A 260 -8.07 16.22 -18.12
CA GLN A 260 -8.08 15.34 -19.27
C GLN A 260 -7.40 15.97 -20.49
N ALA A 261 -7.36 17.30 -20.52
CA ALA A 261 -6.72 18.00 -21.63
C ALA A 261 -5.24 17.65 -21.65
N TYR A 262 -4.61 17.71 -20.48
CA TYR A 262 -3.19 17.41 -20.35
C TYR A 262 -2.94 15.95 -20.65
N LEU A 263 -3.80 15.07 -20.14
CA LEU A 263 -3.65 13.64 -20.40
C LEU A 263 -3.70 13.40 -21.89
N SER A 264 -4.72 13.96 -22.55
CA SER A 264 -4.88 13.78 -23.99
C SER A 264 -3.67 14.27 -24.78
N GLU A 265 -3.10 15.41 -24.39
CA GLU A 265 -1.96 15.95 -25.07
C GLU A 265 -0.74 15.06 -24.88
N CYS A 266 -0.52 14.60 -23.65
CA CYS A 266 0.62 13.74 -23.40
C CYS A 266 0.50 12.44 -24.19
N CYS A 267 -0.67 11.83 -24.17
CA CYS A 267 -0.88 10.58 -24.90
C CYS A 267 -0.72 10.79 -26.41
N ARG A 268 -1.19 11.94 -26.91
CA ARG A 268 -1.06 12.24 -28.34
C ARG A 268 0.40 12.32 -28.74
N ARG A 269 1.20 13.06 -27.97
CA ARG A 269 2.61 13.20 -28.25
C ARG A 269 3.32 11.86 -28.21
N ILE A 270 2.97 11.02 -27.24
CA ILE A 270 3.57 9.71 -27.12
C ILE A 270 3.19 8.82 -28.30
N ARG A 271 1.92 8.84 -28.70
CA ARG A 271 1.49 8.03 -29.84
C ARG A 271 2.21 8.48 -31.10
N GLU A 272 2.37 9.79 -31.26
CA GLU A 272 3.04 10.30 -32.43
C GLU A 272 4.50 9.85 -32.51
N THR A 273 5.19 9.88 -31.38
CA THR A 273 6.58 9.46 -31.34
C THR A 273 6.66 7.96 -31.56
N ARG A 274 5.69 7.24 -31.00
CA ARG A 274 5.64 5.80 -31.13
C ARG A 274 5.51 5.38 -32.59
N GLU A 275 4.61 6.01 -33.33
CA GLU A 275 4.43 5.68 -34.72
C GLU A 275 5.59 6.12 -35.60
N TRP A 276 6.19 7.26 -35.29
CA TRP A 276 7.33 7.73 -36.06
C TRP A 276 8.51 6.77 -35.86
N PHE A 277 8.73 6.36 -34.63
CA PHE A 277 9.83 5.46 -34.29
C PHE A 277 9.60 4.09 -34.92
N THR A 278 8.34 3.65 -34.93
CA THR A 278 7.98 2.38 -35.53
C THR A 278 8.39 2.36 -36.99
N THR A 279 8.08 3.45 -37.69
CA THR A 279 8.41 3.57 -39.10
C THR A 279 9.92 3.60 -39.31
N GLU A 280 10.62 4.35 -38.47
CA GLU A 280 12.07 4.45 -38.58
C GLU A 280 12.74 3.11 -38.33
N LEU A 281 12.23 2.35 -37.37
CA LEU A 281 12.81 1.04 -37.07
C LEU A 281 12.63 0.08 -38.24
N ARG A 282 11.44 0.07 -38.82
CA ARG A 282 11.18 -0.81 -39.95
C ARG A 282 12.06 -0.44 -41.14
N SER A 283 12.38 0.85 -41.27
CA SER A 283 13.20 1.31 -42.38
C SER A 283 14.63 0.80 -42.28
N ILE A 284 15.04 0.39 -41.08
CA ILE A 284 16.38 -0.15 -40.91
C ILE A 284 16.34 -1.66 -40.66
N GLY A 285 15.28 -2.29 -41.14
CA GLY A 285 15.16 -3.75 -41.02
C GLY A 285 14.51 -4.38 -39.81
N TYR A 286 14.09 -3.58 -38.83
CA TYR A 286 13.47 -4.14 -37.64
C TYR A 286 12.06 -4.66 -37.85
N ASP A 287 11.70 -5.68 -37.07
CA ASP A 287 10.35 -6.19 -37.08
C ASP A 287 9.76 -5.51 -35.86
N VAL A 288 8.64 -4.82 -36.04
CA VAL A 288 8.01 -4.13 -34.94
C VAL A 288 6.56 -4.52 -34.84
N ILE A 289 6.15 -5.00 -33.66
CA ILE A 289 4.76 -5.38 -33.47
C ILE A 289 3.96 -4.10 -33.30
N PRO A 290 2.82 -3.99 -34.01
CA PRO A 290 1.99 -2.77 -33.89
C PRO A 290 1.58 -2.65 -32.43
N SER A 291 1.87 -1.49 -31.82
CA SER A 291 1.56 -1.31 -30.42
C SER A 291 0.48 -0.31 -30.05
N GLN A 292 -0.23 -0.62 -28.97
CA GLN A 292 -1.28 0.25 -28.45
C GLN A 292 -0.88 0.80 -27.09
N GLY A 293 0.38 0.55 -26.70
CA GLY A 293 0.88 1.04 -25.42
C GLY A 293 1.93 2.13 -25.62
N ASN A 294 2.68 2.46 -24.58
CA ASN A 294 3.73 3.49 -24.69
C ASN A 294 5.10 2.81 -24.78
N TYR A 295 5.17 1.77 -25.62
CA TYR A 295 6.38 1.01 -25.82
C TYR A 295 6.25 0.21 -27.11
N LEU A 296 7.36 -0.36 -27.54
CA LEU A 296 7.39 -1.18 -28.74
C LEU A 296 8.23 -2.42 -28.49
N PHE A 297 7.79 -3.55 -29.03
CA PHE A 297 8.60 -4.75 -28.90
C PHE A 297 9.26 -4.82 -30.28
N ALA A 298 10.54 -4.51 -30.32
CA ALA A 298 11.27 -4.48 -31.58
C ALA A 298 12.35 -5.55 -31.66
N THR A 299 12.44 -6.17 -32.83
CA THR A 299 13.42 -7.22 -33.08
C THR A 299 14.30 -6.77 -34.25
N PRO A 300 15.62 -6.68 -34.01
CA PRO A 300 16.54 -6.26 -35.07
C PRO A 300 16.54 -7.28 -36.20
N PRO A 301 16.96 -6.87 -37.41
CA PRO A 301 16.98 -7.80 -38.55
C PRO A 301 17.79 -9.07 -38.29
N ASP A 302 18.84 -8.97 -37.50
CA ASP A 302 19.69 -10.13 -37.20
C ASP A 302 19.14 -10.95 -36.03
N ARG A 303 18.00 -10.53 -35.50
CA ARG A 303 17.34 -11.23 -34.39
C ARG A 303 18.22 -11.39 -33.16
N ASP A 304 19.20 -10.50 -32.98
CA ASP A 304 20.08 -10.57 -31.83
C ASP A 304 19.75 -9.42 -30.89
N GLY A 305 18.63 -9.54 -30.19
CA GLY A 305 18.21 -8.51 -29.27
C GLY A 305 19.17 -8.22 -28.13
N LYS A 306 19.83 -9.25 -27.62
CA LYS A 306 20.75 -9.02 -26.51
C LYS A 306 21.96 -8.22 -26.97
N ARG A 307 22.42 -8.43 -28.20
CA ARG A 307 23.56 -7.68 -28.70
C ARG A 307 23.18 -6.20 -28.74
N VAL A 308 21.98 -5.91 -29.24
CA VAL A 308 21.53 -4.53 -29.31
C VAL A 308 21.37 -3.93 -27.91
N TYR A 309 20.82 -4.70 -26.99
CA TYR A 309 20.65 -4.24 -25.61
C TYR A 309 22.00 -3.83 -25.03
N ASP A 310 23.01 -4.67 -25.27
CA ASP A 310 24.36 -4.41 -24.77
C ASP A 310 24.93 -3.15 -25.43
N GLY A 311 24.64 -2.99 -26.72
CA GLY A 311 25.14 -1.83 -27.44
C GLY A 311 24.52 -0.55 -26.90
N LEU A 312 23.23 -0.61 -26.57
CA LEU A 312 22.54 0.54 -26.03
C LEU A 312 23.06 0.86 -24.63
N TYR A 313 23.26 -0.18 -23.83
CA TYR A 313 23.76 -0.01 -22.47
C TYR A 313 25.12 0.71 -22.50
N ALA A 314 25.97 0.32 -23.44
CA ALA A 314 27.30 0.92 -23.57
C ALA A 314 27.20 2.39 -23.95
N ARG A 315 26.07 2.78 -24.52
CA ARG A 315 25.84 4.15 -24.95
C ARG A 315 24.90 4.89 -24.00
N LYS A 316 24.75 4.34 -22.80
CA LYS A 316 23.89 4.90 -21.76
C LYS A 316 22.42 5.05 -22.14
N VAL A 317 21.90 4.05 -22.85
CA VAL A 317 20.49 4.01 -23.22
C VAL A 317 20.00 2.69 -22.63
N LEU A 318 18.99 2.75 -21.77
CA LEU A 318 18.49 1.55 -21.11
C LEU A 318 17.10 1.12 -21.55
N VAL A 319 17.02 -0.07 -22.15
CA VAL A 319 15.73 -0.59 -22.56
C VAL A 319 15.50 -1.86 -21.77
N ARG A 320 14.46 -2.62 -22.10
CA ARG A 320 14.18 -3.84 -21.38
C ARG A 320 14.41 -5.07 -22.26
N HIS A 321 15.24 -5.99 -21.79
CA HIS A 321 15.48 -7.21 -22.53
C HIS A 321 15.06 -8.39 -21.66
N PHE A 322 14.32 -9.31 -22.27
CA PHE A 322 13.83 -10.50 -21.58
C PHE A 322 14.61 -11.73 -21.99
N SER A 323 15.11 -12.48 -21.01
CA SER A 323 15.89 -13.69 -21.28
C SER A 323 14.99 -14.83 -21.74
N ASP A 324 13.69 -14.69 -21.50
CA ASP A 324 12.72 -15.70 -21.89
C ASP A 324 12.94 -16.02 -23.38
N PRO A 325 13.14 -17.31 -23.71
CA PRO A 325 13.38 -17.75 -25.08
C PRO A 325 12.38 -17.17 -26.09
N LEU A 326 11.16 -16.96 -25.65
CA LEU A 326 10.12 -16.44 -26.51
C LEU A 326 10.35 -14.97 -26.89
N LEU A 327 11.06 -14.24 -26.04
CA LEU A 327 11.30 -12.82 -26.25
C LEU A 327 12.75 -12.41 -26.40
N ALA A 328 13.68 -13.34 -26.22
CA ALA A 328 15.11 -13.03 -26.28
C ALA A 328 15.66 -12.38 -27.55
N HIS A 329 15.00 -12.59 -28.69
CA HIS A 329 15.48 -12.03 -29.95
C HIS A 329 15.22 -10.55 -30.11
N GLY A 330 14.31 -10.00 -29.30
CA GLY A 330 14.01 -8.59 -29.41
C GLY A 330 14.17 -7.84 -28.10
N ARG A 332 11.96 -4.65 -25.47
CA ARG A 332 10.81 -3.77 -25.26
C ARG A 332 11.40 -2.38 -24.99
N ILE A 333 11.16 -1.47 -25.93
CA ILE A 333 11.67 -0.11 -25.83
C ILE A 333 10.53 0.85 -25.46
N SER A 334 10.66 1.54 -24.34
CA SER A 334 9.63 2.49 -23.93
C SER A 334 9.74 3.73 -24.79
N ILE A 335 8.63 4.46 -24.93
CA ILE A 335 8.64 5.67 -25.74
C ILE A 335 8.94 6.89 -24.87
N GLY A 336 10.09 7.51 -25.11
CA GLY A 336 10.48 8.70 -24.35
C GLY A 336 10.14 9.95 -25.15
N THR A 337 10.90 11.02 -24.94
CA THR A 337 10.64 12.26 -25.69
C THR A 337 11.12 12.05 -27.12
N ARG A 338 10.61 12.87 -28.04
CA ARG A 338 11.02 12.75 -29.43
C ARG A 338 12.54 12.85 -29.55
N GLU A 339 13.13 13.77 -28.80
CA GLU A 339 14.57 13.96 -28.83
C GLU A 339 15.32 12.70 -28.38
N GLU A 340 14.83 12.07 -27.32
CA GLU A 340 15.46 10.85 -26.82
C GLU A 340 15.36 9.71 -27.82
N GLU A 342 15.24 10.10 -31.05
CA GLU A 342 16.09 10.39 -32.18
C GLU A 342 17.51 9.92 -31.80
N GLN A 343 17.89 10.15 -30.56
CA GLN A 343 19.21 9.72 -30.08
C GLN A 343 19.28 8.19 -30.05
N THR A 344 18.18 7.57 -29.63
CA THR A 344 18.12 6.12 -29.57
C THR A 344 18.19 5.52 -30.97
N LEU A 345 17.50 6.13 -31.92
CA LEU A 345 17.51 5.66 -33.30
C LEU A 345 18.94 5.74 -33.84
N ALA A 346 19.63 6.84 -33.55
CA ALA A 346 21.00 7.01 -34.00
C ALA A 346 21.88 5.88 -33.45
N ALA A 347 21.67 5.54 -32.19
CA ALA A 347 22.45 4.48 -31.55
C ALA A 347 22.14 3.12 -32.20
N LEU A 348 20.86 2.88 -32.50
CA LEU A 348 20.46 1.63 -33.11
C LEU A 348 21.05 1.49 -34.51
N LYS A 349 21.14 2.58 -35.25
CA LYS A 349 21.72 2.53 -36.59
C LYS A 349 23.18 2.17 -36.51
N GLU A 350 23.88 2.76 -35.55
CA GLU A 350 25.30 2.47 -35.38
C GLU A 350 25.54 1.03 -34.95
N ILE A 351 24.70 0.53 -34.06
CA ILE A 351 24.82 -0.85 -33.61
C ILE A 351 24.54 -1.78 -34.77
N GLY A 352 23.60 -1.39 -35.62
CA GLY A 352 23.26 -2.22 -36.76
C GLY A 352 24.37 -2.33 -37.79
N GLU A 353 25.19 -1.30 -37.88
CA GLU A 353 26.30 -1.29 -38.84
C GLU A 353 27.54 -1.97 -38.29
N ILE B 4 -19.61 -13.94 -9.63
CA ILE B 4 -19.21 -15.33 -9.26
C ILE B 4 -18.95 -15.42 -7.76
N PRO B 5 -18.88 -16.64 -7.22
CA PRO B 5 -18.63 -16.86 -5.79
C PRO B 5 -17.28 -16.42 -5.24
N LEU B 6 -17.34 -15.71 -4.12
CA LEU B 6 -16.15 -15.26 -3.43
C LEU B 6 -15.77 -16.42 -2.53
N ARG B 7 -14.58 -16.37 -1.94
CA ARG B 7 -14.19 -17.40 -1.01
C ARG B 7 -15.23 -17.23 0.10
N GLN B 8 -15.67 -18.32 0.72
CA GLN B 8 -16.68 -18.23 1.77
C GLN B 8 -16.32 -17.24 2.88
N ASN B 9 -15.09 -17.31 3.38
CA ASN B 9 -14.66 -16.42 4.46
C ASN B 9 -14.75 -14.95 4.07
N ILE B 10 -14.46 -14.66 2.80
CA ILE B 10 -14.51 -13.28 2.33
C ILE B 10 -15.96 -12.80 2.25
N ALA B 11 -16.86 -13.69 1.86
CA ALA B 11 -18.27 -13.34 1.76
C ALA B 11 -18.88 -13.12 3.14
N SER B 12 -18.53 -14.00 4.08
CA SER B 12 -19.04 -13.96 5.46
C SER B 12 -18.49 -12.86 6.36
N LYS B 14 -17.04 -9.41 8.07
CA LYS B 14 -17.52 -8.04 8.13
C LYS B 14 -16.27 -7.17 8.08
N GLY B 15 -16.33 -6.09 7.32
CA GLY B 15 -15.18 -5.21 7.23
C GLY B 15 -14.88 -4.49 8.53
N TYR B 16 -13.64 -4.02 8.67
CA TYR B 16 -13.22 -3.30 9.87
C TYR B 16 -14.21 -2.17 10.17
N ILE B 17 -14.57 -2.03 11.43
CA ILE B 17 -15.51 -0.98 11.85
C ILE B 17 -14.76 0.09 12.63
N PRO B 18 -14.46 1.22 11.98
CA PRO B 18 -13.73 2.30 12.67
C PRO B 18 -14.66 3.07 13.59
N GLY B 19 -14.08 3.87 14.48
CA GLY B 19 -14.90 4.67 15.39
C GLY B 19 -15.62 5.71 14.54
N TYR B 20 -16.77 6.17 15.02
CA TYR B 20 -17.53 7.16 14.28
C TYR B 20 -16.79 8.49 14.15
N GLN B 21 -16.96 9.14 13.01
CA GLN B 21 -16.36 10.45 12.76
C GLN B 21 -17.21 11.19 11.74
N PRO B 22 -17.65 12.41 12.08
CA PRO B 22 -18.48 13.19 11.16
C PRO B 22 -17.67 13.67 9.95
N PRO B 23 -18.32 13.85 8.80
CA PRO B 23 -17.63 14.30 7.58
C PRO B 23 -17.06 15.71 7.75
N ASP B 24 -17.78 16.54 8.49
CA ASP B 24 -17.35 17.91 8.74
C ASP B 24 -16.69 17.99 10.11
N ILE B 25 -15.36 18.05 10.13
CA ILE B 25 -14.61 18.12 11.39
C ILE B 25 -13.78 19.39 11.51
N ALA B 26 -14.07 20.37 10.67
CA ALA B 26 -13.34 21.63 10.67
C ALA B 26 -13.42 22.36 12.01
N SER B 27 -14.63 22.49 12.54
CA SER B 27 -14.83 23.19 13.81
C SER B 27 -14.76 22.23 15.01
N TRP B 28 -13.96 21.18 14.89
CA TRP B 28 -13.87 20.21 15.98
C TRP B 28 -12.48 20.00 16.59
N ILE B 29 -12.49 19.69 17.88
CA ILE B 29 -11.26 19.34 18.59
C ILE B 29 -11.31 17.83 18.36
N LYS B 30 -10.37 17.34 17.57
CA LYS B 30 -10.30 15.94 17.18
C LYS B 30 -9.33 15.11 18.00
N LEU B 31 -9.87 14.28 18.90
CA LEU B 31 -9.05 13.45 19.78
C LEU B 31 -9.54 12.00 19.73
N ASN B 32 -9.85 11.51 18.54
CA ASN B 32 -10.40 10.16 18.40
C ASN B 32 -9.58 9.10 17.69
N THR B 33 -8.45 9.45 17.09
CA THR B 33 -7.64 8.45 16.39
C THR B 33 -6.16 8.50 16.76
N ASN B 34 -5.86 9.13 17.89
CA ASN B 34 -4.49 9.24 18.39
C ASN B 34 -3.52 9.93 17.44
N GLU B 35 -4.00 10.93 16.72
CA GLU B 35 -3.16 11.69 15.82
C GLU B 35 -2.34 12.67 16.66
N ASN B 36 -1.13 12.98 16.19
CA ASN B 36 -0.25 13.90 16.89
C ASN B 36 -0.83 15.31 16.83
N PRO B 37 -0.71 16.09 17.91
CA PRO B 37 -1.28 17.43 17.85
C PRO B 37 -0.40 18.44 17.10
N TYR B 38 0.86 18.08 16.89
CA TYR B 38 1.80 18.98 16.23
C TYR B 38 2.13 18.58 14.79
N PRO B 39 2.57 19.54 13.97
CA PRO B 39 2.92 19.23 12.58
C PRO B 39 4.18 18.38 12.55
N PRO B 40 4.46 17.74 11.42
CA PRO B 40 5.68 16.94 11.35
C PRO B 40 6.88 17.88 11.35
N SER B 41 8.08 17.32 11.41
CA SER B 41 9.28 18.14 11.40
C SER B 41 9.35 19.06 10.18
N PRO B 42 9.84 20.29 10.38
CA PRO B 42 9.95 21.23 9.26
C PRO B 42 10.86 20.62 8.19
N GLU B 43 11.72 19.70 8.60
CA GLU B 43 12.63 19.02 7.68
C GLU B 43 11.85 18.10 6.73
N VAL B 44 10.71 17.59 7.21
CA VAL B 44 9.90 16.71 6.38
C VAL B 44 9.27 17.53 5.25
N VAL B 45 8.80 18.73 5.58
CA VAL B 45 8.20 19.61 4.60
C VAL B 45 9.24 19.95 3.52
N LYS B 46 10.44 20.30 3.94
CA LYS B 46 11.50 20.64 3.00
C LYS B 46 11.84 19.46 2.09
N ALA B 47 11.95 18.27 2.69
CA ALA B 47 12.29 17.07 1.93
C ALA B 47 11.26 16.76 0.85
N ILE B 48 9.98 16.88 1.19
CA ILE B 48 8.91 16.62 0.26
C ILE B 48 8.94 17.64 -0.87
N LEU B 49 9.09 18.91 -0.53
CA LEU B 49 9.15 19.94 -1.55
C LEU B 49 10.33 19.74 -2.47
N GLU B 50 11.47 19.33 -1.90
CA GLU B 50 12.67 19.13 -2.70
C GLU B 50 12.57 17.93 -3.63
N GLU B 51 11.84 16.92 -3.20
CA GLU B 51 11.66 15.74 -4.05
C GLU B 51 10.66 16.01 -5.15
N LEU B 52 9.60 16.74 -4.82
CA LEU B 52 8.56 17.09 -5.78
C LEU B 52 9.14 17.92 -6.91
N GLY B 53 10.00 18.87 -6.58
CA GLY B 53 10.59 19.72 -7.58
C GLY B 53 9.63 20.77 -8.10
N PRO B 54 10.09 21.67 -8.97
CA PRO B 54 9.25 22.72 -9.54
C PRO B 54 8.05 22.28 -10.37
N ASP B 55 8.18 21.19 -11.10
CA ASP B 55 7.07 20.71 -11.93
C ASP B 55 6.67 19.26 -11.67
N GLY B 56 7.17 18.71 -10.56
CA GLY B 56 6.84 17.33 -10.21
C GLY B 56 7.33 16.30 -11.20
N ALA B 57 8.31 16.65 -12.02
CA ALA B 57 8.84 15.73 -13.01
C ALA B 57 9.34 14.43 -12.40
N ALA B 58 9.91 14.50 -11.20
CA ALA B 58 10.43 13.31 -10.54
C ALA B 58 9.36 12.25 -10.29
N LEU B 59 8.11 12.67 -10.18
CA LEU B 59 7.03 11.73 -9.92
C LEU B 59 6.70 10.80 -11.09
N ARG B 60 7.27 11.07 -12.26
CA ARG B 60 7.00 10.20 -13.41
C ARG B 60 7.90 8.96 -13.36
N ILE B 61 8.86 8.95 -12.44
CA ILE B 61 9.79 7.83 -12.30
C ILE B 61 9.46 7.02 -11.06
N TYR B 62 9.49 5.69 -11.19
CA TYR B 62 9.19 4.82 -10.07
C TYR B 62 10.12 5.06 -8.89
N PRO B 63 9.60 4.90 -7.67
CA PRO B 63 10.41 5.12 -6.46
C PRO B 63 11.38 3.97 -6.26
N SER B 64 11.97 3.94 -5.07
CA SER B 64 12.90 2.88 -4.72
C SER B 64 12.09 1.68 -4.26
N ALA B 65 12.22 0.56 -4.97
CA ALA B 65 11.49 -0.64 -4.61
C ALA B 65 11.97 -1.13 -3.25
N SER B 66 13.28 -1.06 -3.04
CA SER B 66 13.89 -1.53 -1.79
C SER B 66 13.73 -0.60 -0.59
N SER B 67 13.67 0.70 -0.85
CA SER B 67 13.57 1.69 0.24
C SER B 67 14.82 1.48 1.11
N GLN B 68 15.89 1.02 0.47
CA GLN B 68 17.15 0.74 1.14
C GLN B 68 17.72 1.92 1.93
N LYS B 69 17.58 3.12 1.40
CA LYS B 69 18.10 4.30 2.10
C LYS B 69 17.32 4.54 3.38
N LEU B 70 16.06 4.15 3.38
CA LEU B 70 15.24 4.30 4.57
C LEU B 70 15.69 3.26 5.58
N ARG B 71 16.03 2.06 5.10
CA ARG B 71 16.48 0.99 5.99
C ARG B 71 17.82 1.32 6.65
N GLU B 72 18.69 2.03 5.91
CA GLU B 72 19.98 2.39 6.47
C GLU B 72 19.83 3.46 7.55
N VAL B 73 18.92 4.40 7.31
CA VAL B 73 18.67 5.46 8.28
C VAL B 73 18.00 4.86 9.51
N ALA B 74 17.03 3.98 9.27
CA ALA B 74 16.34 3.34 10.38
C ALA B 74 17.31 2.44 11.13
N GLY B 75 18.16 1.77 10.37
CA GLY B 75 19.15 0.87 10.96
C GLY B 75 20.07 1.59 11.93
N GLU B 76 20.58 2.74 11.52
CA GLU B 76 21.47 3.49 12.40
C GLU B 76 20.74 4.02 13.62
N LEU B 77 19.49 4.43 13.43
CA LEU B 77 18.70 4.95 14.55
C LEU B 77 18.48 3.90 15.63
N TYR B 78 18.13 2.69 15.22
CA TYR B 78 17.84 1.61 16.17
C TYR B 78 18.99 0.65 16.48
N GLY B 79 20.10 0.79 15.76
CA GLY B 79 21.25 -0.07 15.99
C GLY B 79 21.14 -1.46 15.40
N PHE B 80 20.50 -1.57 14.23
CA PHE B 80 20.32 -2.84 13.56
C PHE B 80 20.86 -2.76 12.15
N ASP B 81 21.37 -3.88 11.63
CA ASP B 81 21.85 -3.93 10.27
C ASP B 81 20.58 -3.77 9.42
N PRO B 82 20.67 -3.12 8.26
CA PRO B 82 19.53 -2.90 7.36
C PRO B 82 18.78 -4.18 6.95
N SER B 83 19.45 -5.33 7.01
CA SER B 83 18.84 -6.60 6.62
C SER B 83 17.83 -7.06 7.66
N TRP B 84 17.80 -6.40 8.81
CA TRP B 84 16.86 -6.74 9.88
C TRP B 84 15.67 -5.80 9.82
N ILE B 85 15.61 -4.97 8.79
CA ILE B 85 14.52 -4.00 8.66
C ILE B 85 13.81 -4.04 7.32
N ILE B 86 12.52 -3.77 7.34
CA ILE B 86 11.73 -3.72 6.12
C ILE B 86 10.76 -2.54 6.24
N ALA B 88 7.35 -0.26 5.00
CA ALA B 88 5.99 -0.57 4.56
C ALA B 88 5.12 0.67 4.46
N ASN B 89 4.04 0.56 3.69
CA ASN B 89 3.08 1.65 3.52
C ASN B 89 2.15 1.61 4.72
N GLY B 90 2.69 1.97 5.88
CA GLY B 90 1.94 1.93 7.12
C GLY B 90 2.21 0.57 7.75
N SER B 91 2.11 0.46 9.07
CA SER B 91 2.38 -0.83 9.69
C SER B 91 1.30 -1.89 9.48
N ASP B 92 0.09 -1.49 9.09
CA ASP B 92 -0.96 -2.47 8.84
C ASP B 92 -0.46 -3.42 7.76
N GLU B 93 0.31 -2.90 6.81
CA GLU B 93 0.84 -3.71 5.73
C GLU B 93 1.70 -4.85 6.26
N VAL B 94 2.60 -4.55 7.20
CA VAL B 94 3.47 -5.59 7.74
C VAL B 94 2.68 -6.57 8.61
N LEU B 95 1.69 -6.07 9.35
CA LEU B 95 0.86 -6.97 10.17
C LEU B 95 0.20 -7.98 9.24
N ASN B 96 -0.35 -7.47 8.14
CA ASN B 96 -1.01 -8.31 7.15
C ASN B 96 -0.05 -9.33 6.55
N ASN B 97 1.12 -8.87 6.15
CA ASN B 97 2.08 -9.77 5.54
C ASN B 97 2.67 -10.79 6.51
N LEU B 98 2.69 -10.47 7.79
CA LEU B 98 3.20 -11.42 8.77
C LEU B 98 2.20 -12.58 8.84
N ILE B 99 0.92 -12.27 8.73
CA ILE B 99 -0.10 -13.30 8.74
C ILE B 99 0.02 -14.16 7.48
N ARG B 100 0.20 -13.51 6.32
CA ARG B 100 0.32 -14.27 5.07
C ARG B 100 1.57 -15.14 5.04
N ALA B 101 2.61 -14.72 5.76
CA ALA B 101 3.86 -15.46 5.79
C ALA B 101 3.83 -16.69 6.69
N PHE B 102 3.18 -16.54 7.85
CA PHE B 102 3.15 -17.59 8.86
C PHE B 102 1.87 -18.39 9.11
N ALA B 103 0.72 -17.82 8.78
CA ALA B 103 -0.54 -18.51 9.04
C ALA B 103 -1.35 -18.88 7.80
N ALA B 104 -1.47 -20.17 7.55
CA ALA B 104 -2.24 -20.63 6.40
C ALA B 104 -3.70 -20.60 6.81
N GLU B 105 -4.60 -20.65 5.83
CA GLU B 105 -6.02 -20.66 6.14
C GLU B 105 -6.29 -21.85 7.05
N GLY B 106 -7.07 -21.62 8.10
CA GLY B 106 -7.38 -22.70 9.04
C GLY B 106 -6.53 -22.68 10.29
N GLU B 107 -5.33 -22.10 10.19
CA GLU B 107 -4.43 -22.03 11.33
C GLU B 107 -4.84 -20.86 12.22
N GLU B 108 -4.27 -20.78 13.41
CA GLU B 108 -4.66 -19.74 14.36
C GLU B 108 -3.65 -18.64 14.67
N ILE B 109 -4.16 -17.44 14.92
CA ILE B 109 -3.35 -16.31 15.33
C ILE B 109 -4.07 -15.78 16.56
N GLY B 110 -3.35 -15.09 17.43
CA GLY B 110 -3.98 -14.57 18.63
C GLY B 110 -3.55 -13.16 18.98
N TYR B 111 -4.29 -12.55 19.90
CA TYR B 111 -3.97 -11.22 20.38
C TYR B 111 -4.75 -10.94 21.65
N VAL B 112 -4.45 -9.80 22.27
CA VAL B 112 -5.10 -9.42 23.51
C VAL B 112 -6.38 -8.64 23.30
N HIS B 113 -7.39 -8.97 24.10
CA HIS B 113 -8.66 -8.25 24.05
C HIS B 113 -8.68 -7.49 25.38
N PRO B 114 -8.75 -6.15 25.32
CA PRO B 114 -8.83 -5.30 24.14
C PRO B 114 -7.50 -4.78 23.62
N SER B 115 -7.37 -4.72 22.29
CA SER B 115 -6.19 -4.15 21.66
C SER B 115 -6.63 -3.70 20.26
N TYR B 116 -5.86 -4.05 19.23
CA TYR B 116 -6.20 -3.64 17.87
C TYR B 116 -7.09 -4.69 17.19
N SER B 117 -8.39 -4.44 17.14
CA SER B 117 -9.33 -5.39 16.55
C SER B 117 -9.02 -5.73 15.10
N TYR B 118 -8.26 -4.86 14.43
CA TYR B 118 -7.93 -5.09 13.04
C TYR B 118 -7.04 -6.33 12.86
N TYR B 119 -6.39 -6.79 13.93
CA TYR B 119 -5.57 -7.99 13.82
C TYR B 119 -6.52 -9.11 13.41
N GLY B 120 -7.73 -9.07 13.98
CA GLY B 120 -8.73 -10.07 13.68
C GLY B 120 -9.26 -9.95 12.26
N THR B 121 -9.46 -8.71 11.80
CA THR B 121 -9.95 -8.50 10.45
C THR B 121 -8.95 -9.08 9.45
N LEU B 122 -7.67 -8.82 9.68
CA LEU B 122 -6.63 -9.34 8.78
C LEU B 122 -6.62 -10.86 8.82
N ALA B 123 -6.84 -11.44 9.99
CA ALA B 123 -6.87 -12.89 10.11
C ALA B 123 -8.03 -13.44 9.29
N GLU B 124 -9.19 -12.79 9.39
CA GLU B 124 -10.37 -13.22 8.65
C GLU B 124 -10.16 -13.22 7.13
N VAL B 125 -9.42 -12.24 6.62
CA VAL B 125 -9.16 -12.18 5.19
C VAL B 125 -8.34 -13.41 4.78
N GLN B 126 -7.35 -13.74 5.60
CA GLN B 126 -6.49 -14.88 5.34
C GLN B 126 -7.24 -16.19 5.51
N GLY B 127 -8.24 -16.18 6.39
CA GLY B 127 -8.99 -17.39 6.65
C GLY B 127 -8.44 -18.05 7.90
N ALA B 128 -7.58 -17.32 8.60
CA ALA B 128 -6.98 -17.82 9.84
C ALA B 128 -7.98 -17.70 10.98
N ARG B 129 -7.90 -18.64 11.93
CA ARG B 129 -8.77 -18.62 13.10
C ARG B 129 -8.20 -17.60 14.07
N VAL B 130 -9.07 -17.07 14.93
CA VAL B 130 -8.66 -16.07 15.90
C VAL B 130 -8.93 -16.48 17.34
N ARG B 131 -7.96 -16.25 18.22
CA ARG B 131 -8.11 -16.55 19.64
C ARG B 131 -7.66 -15.32 20.41
N THR B 132 -8.50 -14.82 21.30
CA THR B 132 -8.13 -13.67 22.09
C THR B 132 -8.03 -14.03 23.56
N PHE B 133 -7.23 -13.25 24.29
CA PHE B 133 -7.02 -13.43 25.72
C PHE B 133 -7.26 -12.08 26.37
N GLY B 134 -7.86 -12.08 27.55
CA GLY B 134 -8.10 -10.83 28.26
C GLY B 134 -6.93 -10.45 29.15
N LEU B 135 -7.08 -9.35 29.86
CA LEU B 135 -6.03 -8.88 30.77
C LEU B 135 -6.50 -8.88 32.21
N THR B 136 -5.56 -9.10 33.13
CA THR B 136 -5.87 -9.10 34.55
C THR B 136 -5.81 -7.68 35.09
N GLY B 137 -6.10 -7.54 36.39
CA GLY B 137 -6.08 -6.22 37.01
C GLY B 137 -4.73 -5.54 36.95
N ASP B 138 -3.65 -6.32 37.05
CA ASP B 138 -2.31 -5.76 37.00
C ASP B 138 -1.72 -5.81 35.60
N PHE B 139 -2.61 -5.86 34.61
CA PHE B 139 -2.25 -5.87 33.20
C PHE B 139 -1.32 -6.97 32.69
N ARG B 140 -1.69 -8.21 33.00
CA ARG B 140 -0.95 -9.37 32.54
C ARG B 140 -1.98 -10.18 31.77
N ILE B 141 -1.55 -11.01 30.83
CA ILE B 141 -2.50 -11.79 30.05
C ILE B 141 -3.13 -12.87 30.91
N ALA B 142 -4.45 -12.94 30.87
CA ALA B 142 -5.18 -13.92 31.66
C ALA B 142 -5.46 -15.20 30.87
N GLY B 143 -5.18 -16.34 31.49
CA GLY B 143 -5.43 -17.61 30.84
C GLY B 143 -4.51 -18.01 29.70
N PHE B 144 -3.34 -17.40 29.62
CA PHE B 144 -2.39 -17.75 28.57
C PHE B 144 -1.87 -19.15 28.88
N PRO B 145 -1.84 -20.04 27.87
CA PRO B 145 -1.37 -21.41 28.08
C PRO B 145 0.13 -21.51 28.35
N GLU B 146 0.56 -22.68 28.82
CA GLU B 146 1.96 -22.94 29.10
C GLU B 146 2.76 -22.60 27.84
N ARG B 147 2.21 -23.01 26.71
CA ARG B 147 2.83 -22.74 25.42
C ARG B 147 1.71 -22.47 24.41
N TYR B 148 1.74 -21.26 23.84
CA TYR B 148 0.74 -20.88 22.86
C TYR B 148 1.17 -21.44 21.51
N GLU B 149 0.30 -22.24 20.89
CA GLU B 149 0.61 -22.87 19.62
C GLU B 149 0.18 -22.12 18.37
N GLY B 150 -0.39 -20.94 18.55
CA GLY B 150 -0.82 -20.16 17.40
C GLY B 150 0.39 -19.80 16.55
N LYS B 151 0.17 -19.57 15.26
CA LYS B 151 1.27 -19.24 14.36
C LYS B 151 1.84 -17.85 14.61
N VAL B 152 0.97 -16.93 15.02
CA VAL B 152 1.38 -15.56 15.30
C VAL B 152 0.58 -15.00 16.46
N PHE B 153 1.23 -14.28 17.36
CA PHE B 153 0.53 -13.64 18.46
C PHE B 153 0.89 -12.16 18.38
N PHE B 154 -0.13 -11.31 18.37
CA PHE B 154 0.08 -9.87 18.27
C PHE B 154 -0.10 -9.19 19.62
N LEU B 155 0.96 -8.57 20.12
CA LEU B 155 0.90 -7.87 21.39
C LEU B 155 1.11 -6.38 21.18
N THR B 156 0.05 -5.60 21.37
CA THR B 156 0.16 -4.15 21.23
C THR B 156 0.86 -3.68 22.51
N THR B 157 2.02 -3.05 22.35
CA THR B 157 2.78 -2.59 23.52
C THR B 157 3.53 -1.28 23.23
N PRO B 158 3.17 -0.18 23.93
CA PRO B 158 2.14 -0.05 24.97
C PRO B 158 0.79 -0.49 24.45
N ASN B 159 -0.07 -0.99 25.34
CA ASN B 159 -1.39 -1.40 24.92
C ASN B 159 -2.28 -0.21 24.65
N ALA B 160 -3.04 -0.30 23.56
CA ALA B 160 -4.04 0.70 23.19
C ALA B 160 -5.22 -0.25 23.11
N PRO B 161 -6.42 0.18 23.53
CA PRO B 161 -6.83 1.47 24.09
C PRO B 161 -6.57 1.78 25.56
N LEU B 162 -6.09 0.79 26.33
CA LEU B 162 -5.90 1.00 27.76
C LEU B 162 -4.73 1.87 28.22
N GLY B 163 -3.58 1.76 27.56
CA GLY B 163 -2.45 2.59 27.92
C GLY B 163 -1.17 2.00 28.51
N PRO B 164 -1.25 1.03 29.42
CA PRO B 164 -0.03 0.45 30.02
C PRO B 164 0.93 -0.30 29.11
N SER B 165 2.20 -0.30 29.51
CA SER B 165 3.23 -1.03 28.80
C SER B 165 3.37 -2.34 29.56
N PHE B 166 4.05 -3.30 28.95
CA PHE B 166 4.28 -4.60 29.57
C PHE B 166 5.76 -4.62 29.93
N PRO B 167 6.10 -5.06 31.15
CA PRO B 167 7.51 -5.10 31.54
C PRO B 167 8.29 -5.94 30.54
N LEU B 168 9.51 -5.51 30.21
CA LEU B 168 10.34 -6.24 29.27
C LEU B 168 10.50 -7.71 29.65
N GLU B 169 10.68 -7.98 30.95
CA GLU B 169 10.85 -9.36 31.41
C GLU B 169 9.60 -10.20 31.19
N TYR B 170 8.43 -9.56 31.19
CA TYR B 170 7.20 -10.28 30.97
C TYR B 170 7.05 -10.59 29.48
N ILE B 171 7.39 -9.63 28.64
CA ILE B 171 7.30 -9.87 27.20
C ILE B 171 8.30 -10.96 26.84
N ASP B 172 9.42 -10.99 27.56
CA ASP B 172 10.44 -12.00 27.31
C ASP B 172 9.82 -13.38 27.56
N GLU B 173 9.06 -13.48 28.66
CA GLU B 173 8.39 -14.73 29.01
C GLU B 173 7.40 -15.12 27.92
N LEU B 174 6.63 -14.15 27.43
CA LEU B 174 5.68 -14.45 26.38
C LEU B 174 6.39 -14.97 25.13
N ALA B 175 7.55 -14.38 24.82
CA ALA B 175 8.31 -14.81 23.64
C ALA B 175 8.71 -16.29 23.77
N ARG B 176 9.12 -16.67 24.98
CA ARG B 176 9.53 -18.05 25.21
C ARG B 176 8.35 -19.02 25.20
N ARG B 177 7.16 -18.52 25.54
CA ARG B 177 5.98 -19.36 25.56
C ARG B 177 5.27 -19.47 24.21
N CYS B 178 5.66 -18.64 23.25
CA CYS B 178 5.06 -18.68 21.92
C CYS B 178 5.81 -19.63 21.00
N ALA B 179 5.13 -20.67 20.53
CA ALA B 179 5.72 -21.65 19.65
C ALA B 179 5.92 -21.01 18.27
N GLY B 180 5.11 -19.99 17.99
CA GLY B 180 5.21 -19.31 16.72
C GLY B 180 5.88 -17.96 16.85
N LEU B 182 6.00 -13.91 17.73
CA LEU B 182 5.41 -12.93 18.63
C LEU B 182 5.68 -11.56 18.02
N VAL B 183 4.60 -10.88 17.64
CA VAL B 183 4.70 -9.56 17.03
C VAL B 183 4.41 -8.48 18.05
N LEU B 184 5.42 -7.65 18.30
CA LEU B 184 5.30 -6.56 19.26
C LEU B 184 4.95 -5.30 18.47
N ASP B 185 3.67 -4.94 18.49
CA ASP B 185 3.17 -3.76 17.80
C ASP B 185 3.50 -2.54 18.66
N GLU B 186 4.58 -1.84 18.30
CA GLU B 186 5.02 -0.68 19.06
C GLU B 186 4.62 0.67 18.48
N THR B 187 3.40 0.71 17.97
CA THR B 187 2.83 1.91 17.40
C THR B 187 2.94 3.12 18.35
N TYR B 188 2.83 2.86 19.65
CA TYR B 188 2.88 3.94 20.65
C TYR B 188 4.14 3.96 21.51
N ALA B 189 5.13 3.16 21.15
CA ALA B 189 6.36 3.07 21.93
C ALA B 189 7.18 4.36 22.10
N GLU B 190 7.09 5.29 21.15
CA GLU B 190 7.86 6.53 21.29
C GLU B 190 7.34 7.41 22.42
N PHE B 191 6.13 7.13 22.89
CA PHE B 191 5.52 7.89 23.99
C PHE B 191 5.78 7.25 25.35
N ALA B 192 6.32 6.04 25.34
CA ALA B 192 6.58 5.28 26.56
C ALA B 192 7.96 5.53 27.12
N GLU B 193 8.22 5.02 28.32
CA GLU B 193 9.53 5.21 28.94
C GLU B 193 10.51 4.10 28.58
N SER B 194 10.04 3.09 27.84
CA SER B 194 10.89 1.98 27.41
C SER B 194 10.23 1.23 26.26
N ASN B 195 11.02 0.43 25.55
CA ASN B 195 10.48 -0.37 24.45
C ASN B 195 11.13 -1.76 24.47
N ALA B 196 10.70 -2.64 23.56
CA ALA B 196 11.20 -4.01 23.53
C ALA B 196 12.08 -4.39 22.34
N LEU B 197 12.74 -3.41 21.73
CA LEU B 197 13.62 -3.69 20.60
C LEU B 197 14.67 -4.75 20.90
N GLU B 198 15.18 -4.74 22.13
CA GLU B 198 16.21 -5.71 22.52
C GLU B 198 15.75 -7.15 22.35
N LEU B 199 14.45 -7.39 22.44
CA LEU B 199 13.94 -8.75 22.30
C LEU B 199 14.08 -9.33 20.90
N VAL B 200 14.27 -8.48 19.90
CA VAL B 200 14.43 -8.97 18.55
C VAL B 200 15.80 -9.67 18.47
N ARG B 201 16.73 -9.17 19.27
CA ARG B 201 18.07 -9.75 19.31
C ARG B 201 18.12 -10.98 20.22
N ARG B 202 17.45 -10.89 21.36
CA ARG B 202 17.44 -11.96 22.34
C ARG B 202 16.73 -13.23 21.86
N HIS B 203 15.72 -13.06 21.01
CA HIS B 203 14.98 -14.21 20.50
C HIS B 203 15.05 -14.24 18.97
N GLU B 204 14.45 -15.27 18.39
CA GLU B 204 14.43 -15.41 16.94
C GLU B 204 12.99 -15.30 16.42
N ASN B 205 12.02 -15.47 17.33
CA ASN B 205 10.61 -15.43 16.95
C ASN B 205 9.93 -14.11 17.26
N VAL B 206 10.72 -13.07 17.58
CA VAL B 206 10.16 -11.76 17.89
C VAL B 206 10.32 -10.76 16.76
N VAL B 207 9.24 -10.02 16.50
CA VAL B 207 9.20 -9.00 15.46
C VAL B 207 8.63 -7.74 16.08
N VAL B 208 9.21 -6.60 15.77
CA VAL B 208 8.71 -5.33 16.30
C VAL B 208 8.24 -4.45 15.14
N THR B 209 7.07 -3.83 15.29
CA THR B 209 6.60 -2.94 14.24
C THR B 209 6.54 -1.52 14.78
N ARG B 210 6.85 -0.57 13.92
CA ARG B 210 6.82 0.84 14.27
C ARG B 210 6.11 1.56 13.12
N THR B 211 5.62 2.76 13.40
CA THR B 211 4.96 3.56 12.38
C THR B 211 5.24 5.02 12.66
N LEU B 212 5.20 5.84 11.61
CA LEU B 212 5.45 7.26 11.78
C LEU B 212 4.12 8.00 11.93
N SER B 213 3.03 7.26 11.87
CA SER B 213 1.69 7.85 11.94
C SER B 213 1.33 8.61 13.22
N LYS B 214 1.79 8.11 14.36
CA LYS B 214 1.46 8.76 15.63
C LYS B 214 2.56 9.68 16.15
N SER B 215 3.72 9.10 16.42
CA SER B 215 4.84 9.84 16.99
C SER B 215 5.56 10.84 16.08
N TYR B 216 5.49 10.64 14.77
CA TYR B 216 6.16 11.54 13.84
C TYR B 216 5.20 12.46 13.08
N SER B 217 3.94 12.49 13.52
CA SER B 217 2.93 13.35 12.91
C SER B 217 2.76 13.12 11.41
N LEU B 218 2.79 11.86 10.99
CA LEU B 218 2.64 11.55 9.57
C LEU B 218 1.53 10.56 9.25
N ALA B 219 0.44 10.65 10.01
CA ALA B 219 -0.71 9.77 9.80
C ALA B 219 -1.29 9.99 8.41
N GLY B 220 -1.06 11.17 7.85
CA GLY B 220 -1.54 11.50 6.52
C GLY B 220 -0.71 10.84 5.44
N ARG B 222 1.56 7.13 4.74
CA ARG B 222 1.51 5.77 5.25
C ARG B 222 2.93 5.27 5.25
N ILE B 223 3.59 5.36 6.41
CA ILE B 223 4.97 4.92 6.54
C ILE B 223 5.17 4.11 7.81
N GLY B 224 5.64 2.88 7.66
CA GLY B 224 5.87 2.04 8.82
C GLY B 224 7.03 1.11 8.54
N LEU B 225 7.36 0.26 9.52
CA LEU B 225 8.46 -0.66 9.33
C LEU B 225 8.38 -1.79 10.33
N ALA B 226 9.18 -2.83 10.08
CA ALA B 226 9.25 -3.97 10.98
C ALA B 226 10.73 -4.29 11.16
N ILE B 227 11.07 -4.72 12.37
CA ILE B 227 12.43 -5.11 12.70
C ILE B 227 12.32 -6.55 13.13
N ALA B 228 13.13 -7.42 12.53
CA ALA B 228 13.08 -8.85 12.86
C ALA B 228 14.37 -9.50 12.38
N ARG B 229 14.52 -10.79 12.65
CA ARG B 229 15.71 -11.49 12.19
C ARG B 229 15.70 -11.43 10.66
N PRO B 230 16.89 -11.39 10.03
CA PRO B 230 17.02 -11.32 8.58
C PRO B 230 16.17 -12.34 7.80
N GLU B 231 16.08 -13.55 8.33
CA GLU B 231 15.30 -14.60 7.69
C GLU B 231 13.83 -14.21 7.57
N VAL B 232 13.31 -13.56 8.61
CA VAL B 232 11.91 -13.13 8.61
C VAL B 232 11.72 -11.99 7.62
N ILE B 233 12.63 -11.03 7.65
CA ILE B 233 12.58 -9.87 6.75
C ILE B 233 12.64 -10.35 5.29
N ALA B 234 13.50 -11.32 5.02
CA ALA B 234 13.65 -11.87 3.68
C ALA B 234 12.32 -12.40 3.16
N ALA B 235 11.57 -13.07 4.02
CA ALA B 235 10.28 -13.62 3.62
C ALA B 235 9.28 -12.48 3.37
N LEU B 236 9.28 -11.49 4.24
CA LEU B 236 8.38 -10.36 4.09
C LEU B 236 8.69 -9.58 2.82
N ASP B 237 9.95 -9.58 2.41
CA ASP B 237 10.33 -8.87 1.19
C ASP B 237 9.81 -9.55 -0.09
N LYS B 238 9.57 -10.85 -0.01
CA LYS B 238 9.06 -11.57 -1.18
C LYS B 238 7.55 -11.40 -1.28
N ILE B 239 6.91 -11.12 -0.14
CA ILE B 239 5.46 -10.96 -0.09
C ILE B 239 4.94 -9.56 -0.45
N ARG B 240 5.63 -8.53 0.02
CA ARG B 240 5.21 -7.16 -0.24
C ARG B 240 5.24 -6.80 -1.72
N ASP B 241 4.49 -5.77 -2.10
CA ASP B 241 4.47 -5.31 -3.48
C ASP B 241 5.86 -4.74 -3.73
N HIS B 242 6.43 -4.99 -4.89
CA HIS B 242 7.77 -4.48 -5.17
C HIS B 242 7.89 -2.95 -5.06
N TYR B 243 6.77 -2.24 -5.13
CA TYR B 243 6.76 -0.78 -4.98
C TYR B 243 5.67 -0.43 -3.96
N ASN B 244 6.06 -0.31 -2.68
CA ASN B 244 5.08 -0.02 -1.64
C ASN B 244 5.18 1.35 -0.96
N LEU B 245 6.15 2.16 -1.37
CA LEU B 245 6.32 3.50 -0.79
C LEU B 245 6.65 4.52 -1.88
N ASP B 246 5.79 5.52 -2.03
CA ASP B 246 6.02 6.55 -3.04
C ASP B 246 7.25 7.40 -2.75
N ARG B 247 7.65 8.16 -3.75
CA ARG B 247 8.83 9.03 -3.63
C ARG B 247 8.72 10.08 -2.53
N LEU B 248 7.53 10.67 -2.37
CA LEU B 248 7.37 11.69 -1.35
C LEU B 248 7.39 11.07 0.05
N ALA B 249 6.85 9.86 0.16
CA ALA B 249 6.86 9.15 1.45
C ALA B 249 8.29 8.80 1.83
N GLN B 250 9.10 8.41 0.86
CA GLN B 250 10.48 8.07 1.15
C GLN B 250 11.27 9.29 1.59
N ALA B 251 11.02 10.42 0.93
CA ALA B 251 11.70 11.67 1.29
C ALA B 251 11.28 12.07 2.71
N ALA B 252 9.99 11.97 2.99
CA ALA B 252 9.46 12.33 4.29
C ALA B 252 10.02 11.43 5.40
N CYS B 253 10.05 10.13 5.15
CA CYS B 253 10.55 9.17 6.13
C CYS B 253 11.98 9.45 6.59
N VAL B 254 12.89 9.62 5.64
CA VAL B 254 14.28 9.88 5.97
C VAL B 254 14.41 11.16 6.80
N ALA B 255 13.72 12.22 6.39
CA ALA B 255 13.79 13.48 7.12
C ALA B 255 13.22 13.34 8.53
N ALA B 256 12.10 12.62 8.64
CA ALA B 256 11.46 12.42 9.94
C ALA B 256 12.36 11.66 10.92
N LEU B 257 12.93 10.54 10.47
CA LEU B 257 13.78 9.73 11.33
C LEU B 257 15.07 10.47 11.74
N ARG B 258 15.57 11.32 10.87
CA ARG B 258 16.79 12.06 11.19
C ARG B 258 16.59 13.17 12.22
N ASP B 259 15.41 13.76 12.25
CA ASP B 259 15.13 14.84 13.20
C ASP B 259 14.66 14.29 14.55
N GLN B 260 15.57 13.64 15.27
CA GLN B 260 15.25 13.07 16.56
C GLN B 260 15.00 14.14 17.62
N ALA B 261 15.59 15.32 17.43
CA ALA B 261 15.41 16.42 18.37
C ALA B 261 13.95 16.85 18.39
N TYR B 262 13.36 16.97 17.21
CA TYR B 262 11.97 17.38 17.07
C TYR B 262 11.05 16.30 17.67
N LEU B 263 11.34 15.04 17.33
CA LEU B 263 10.55 13.93 17.87
C LEU B 263 10.57 13.97 19.39
N SER B 264 11.77 14.13 19.97
CA SER B 264 11.90 14.18 21.42
C SER B 264 11.11 15.33 22.03
N GLU B 265 11.13 16.48 21.39
CA GLU B 265 10.41 17.64 21.90
C GLU B 265 8.90 17.42 21.83
N CYS B 266 8.43 16.87 20.73
CA CYS B 266 7.00 16.60 20.58
C CYS B 266 6.53 15.57 21.61
N CYS B 267 7.33 14.52 21.80
CA CYS B 267 6.97 13.50 22.76
C CYS B 267 7.01 14.04 24.18
N ARG B 268 7.96 14.94 24.45
CA ARG B 268 8.08 15.54 25.77
C ARG B 268 6.81 16.32 26.09
N ARG B 269 6.38 17.15 25.14
CA ARG B 269 5.18 17.96 25.31
C ARG B 269 3.93 17.11 25.49
N ILE B 270 3.82 16.05 24.71
CA ILE B 270 2.67 15.16 24.80
C ILE B 270 2.62 14.46 26.15
N ARG B 271 3.77 13.97 26.63
CA ARG B 271 3.81 13.31 27.92
C ARG B 271 3.43 14.29 29.03
N GLU B 272 3.90 15.53 28.90
CA GLU B 272 3.60 16.57 29.89
C GLU B 272 2.10 16.80 29.98
N THR B 273 1.46 16.94 28.83
CA THR B 273 0.03 17.17 28.76
C THR B 273 -0.75 15.95 29.25
N ARG B 274 -0.26 14.77 28.88
CA ARG B 274 -0.88 13.51 29.27
C ARG B 274 -0.97 13.38 30.80
N GLU B 275 0.15 13.65 31.47
CA GLU B 275 0.18 13.54 32.93
C GLU B 275 -0.65 14.61 33.61
N TRP B 276 -0.63 15.82 33.07
CA TRP B 276 -1.41 16.91 33.63
C TRP B 276 -2.90 16.59 33.49
N PHE B 277 -3.30 16.15 32.30
CA PHE B 277 -4.69 15.82 32.04
C PHE B 277 -5.16 14.64 32.89
N THR B 278 -4.26 13.69 33.14
CA THR B 278 -4.60 12.53 33.96
C THR B 278 -5.02 13.00 35.35
N THR B 279 -4.22 13.88 35.93
CA THR B 279 -4.52 14.39 37.27
C THR B 279 -5.81 15.21 37.27
N GLU B 280 -6.01 16.02 36.23
CA GLU B 280 -7.21 16.84 36.16
C GLU B 280 -8.46 15.95 36.04
N LEU B 281 -8.37 14.87 35.28
CA LEU B 281 -9.51 13.96 35.12
C LEU B 281 -9.83 13.31 36.48
N ARG B 282 -8.78 12.88 37.18
CA ARG B 282 -8.98 12.26 38.48
C ARG B 282 -9.55 13.25 39.49
N SER B 283 -9.26 14.53 39.30
CA SER B 283 -9.75 15.56 40.21
C SER B 283 -11.26 15.75 40.10
N ILE B 284 -11.85 15.30 39.00
CA ILE B 284 -13.30 15.40 38.86
C ILE B 284 -13.95 14.01 38.92
N GLY B 285 -13.30 13.11 39.66
CA GLY B 285 -13.83 11.78 39.87
C GLY B 285 -13.64 10.68 38.85
N TYR B 286 -12.89 10.94 37.78
CA TYR B 286 -12.66 9.92 36.77
C TYR B 286 -11.61 8.89 37.14
N ASP B 287 -11.80 7.67 36.67
CA ASP B 287 -10.81 6.63 36.88
C ASP B 287 -10.00 6.71 35.59
N VAL B 288 -8.69 6.85 35.73
CA VAL B 288 -7.82 6.94 34.57
C VAL B 288 -6.73 5.90 34.67
N ILE B 289 -6.61 5.08 33.65
CA ILE B 289 -5.58 4.05 33.64
C ILE B 289 -4.27 4.76 33.29
N PRO B 290 -3.20 4.51 34.07
CA PRO B 290 -1.91 5.16 33.76
C PRO B 290 -1.48 4.75 32.35
N SER B 291 -1.17 5.73 31.52
CA SER B 291 -0.82 5.43 30.13
C SER B 291 0.60 5.75 29.68
N GLN B 292 1.09 4.93 28.75
CA GLN B 292 2.42 5.09 28.18
C GLN B 292 2.31 5.48 26.71
N GLY B 293 1.09 5.75 26.27
CA GLY B 293 0.85 6.16 24.89
C GLY B 293 0.42 7.61 24.81
N ASN B 294 -0.14 8.03 23.68
CA ASN B 294 -0.58 9.41 23.51
C ASN B 294 -2.11 9.49 23.63
N TYR B 295 -2.64 8.80 24.63
CA TYR B 295 -4.07 8.75 24.89
C TYR B 295 -4.30 8.26 26.31
N LEU B 296 -5.54 8.40 26.77
CA LEU B 296 -5.91 7.96 28.11
C LEU B 296 -7.26 7.27 28.03
N PHE B 297 -7.42 6.19 28.77
CA PHE B 297 -8.72 5.52 28.81
C PHE B 297 -9.30 5.98 30.14
N ALA B 298 -10.33 6.83 30.06
CA ALA B 298 -10.95 7.41 31.24
C ALA B 298 -12.40 6.99 31.41
N THR B 299 -12.78 6.78 32.67
CA THR B 299 -14.14 6.38 33.01
C THR B 299 -14.74 7.38 33.98
N PRO B 300 -15.89 7.97 33.64
CA PRO B 300 -16.54 8.94 34.52
C PRO B 300 -16.97 8.28 35.83
N PRO B 301 -17.18 9.08 36.88
CA PRO B 301 -17.61 8.53 38.17
C PRO B 301 -18.85 7.65 38.12
N ASP B 302 -19.78 7.96 37.21
CA ASP B 302 -21.01 7.17 37.08
C ASP B 302 -20.88 6.02 36.06
N ARG B 303 -19.67 5.84 35.55
CA ARG B 303 -19.39 4.79 34.58
C ARG B 303 -20.25 4.84 33.32
N ASP B 304 -20.76 6.02 33.00
CA ASP B 304 -21.58 6.20 31.80
C ASP B 304 -20.74 6.91 30.75
N GLY B 305 -19.79 6.18 30.18
CA GLY B 305 -18.91 6.74 29.17
C GLY B 305 -19.63 7.32 27.96
N LYS B 306 -20.73 6.70 27.55
CA LYS B 306 -21.48 7.18 26.39
C LYS B 306 -22.13 8.53 26.67
N ARG B 307 -22.63 8.71 27.89
CA ARG B 307 -23.26 9.98 28.27
C ARG B 307 -22.25 11.11 28.09
N VAL B 308 -21.04 10.87 28.56
CA VAL B 308 -19.99 11.87 28.45
C VAL B 308 -19.57 12.05 26.99
N TYR B 309 -19.47 10.95 26.24
CA TYR B 309 -19.11 11.04 24.83
C TYR B 309 -20.12 11.92 24.11
N ASP B 310 -21.40 11.76 24.44
CA ASP B 310 -22.44 12.56 23.82
C ASP B 310 -22.31 14.03 24.21
N GLY B 311 -21.93 14.27 25.46
CA GLY B 311 -21.77 15.64 25.93
C GLY B 311 -20.62 16.33 25.20
N LEU B 312 -19.55 15.58 24.96
CA LEU B 312 -18.40 16.13 24.26
C LEU B 312 -18.75 16.40 22.81
N TYR B 313 -19.46 15.46 22.19
CA TYR B 313 -19.87 15.58 20.80
C TYR B 313 -20.69 16.85 20.62
N ALA B 314 -21.60 17.11 21.56
CA ALA B 314 -22.46 18.28 21.51
C ALA B 314 -21.65 19.58 21.58
N ARG B 315 -20.45 19.48 22.13
CA ARG B 315 -19.57 20.63 22.29
C ARG B 315 -18.43 20.62 21.28
N LYS B 316 -18.61 19.87 20.20
CA LYS B 316 -17.62 19.79 19.12
C LYS B 316 -16.27 19.22 19.53
N VAL B 317 -16.29 18.26 20.45
CA VAL B 317 -15.07 17.59 20.92
C VAL B 317 -15.32 16.12 20.60
N LEU B 318 -14.44 15.53 19.79
CA LEU B 318 -14.61 14.14 19.38
C LEU B 318 -13.59 13.19 19.97
N VAL B 319 -14.07 12.23 20.75
CA VAL B 319 -13.16 11.24 21.33
C VAL B 319 -13.60 9.87 20.81
N ARG B 320 -13.01 8.80 21.33
CA ARG B 320 -13.36 7.46 20.87
C ARG B 320 -14.15 6.70 21.93
N HIS B 321 -15.30 6.19 21.56
CA HIS B 321 -16.11 5.40 22.49
C HIS B 321 -16.35 4.04 21.86
N PHE B 322 -16.08 3.00 22.62
CA PHE B 322 -16.24 1.62 22.16
C PHE B 322 -17.55 1.03 22.67
N SER B 323 -18.26 0.34 21.78
CA SER B 323 -19.52 -0.30 22.16
C SER B 323 -19.23 -1.64 22.84
N ASP B 324 -18.01 -2.13 22.67
CA ASP B 324 -17.58 -3.38 23.30
C ASP B 324 -17.97 -3.31 24.78
N PRO B 325 -18.78 -4.25 25.28
CA PRO B 325 -19.22 -4.25 26.67
C PRO B 325 -18.09 -4.06 27.70
N LEU B 326 -16.90 -4.56 27.37
CA LEU B 326 -15.77 -4.45 28.27
C LEU B 326 -15.28 -3.01 28.39
N LEU B 327 -15.49 -2.22 27.33
CA LEU B 327 -15.01 -0.84 27.28
C LEU B 327 -16.09 0.24 27.26
N ALA B 328 -17.34 -0.15 27.15
CA ALA B 328 -18.42 0.83 27.06
C ALA B 328 -18.50 1.84 28.21
N HIS B 329 -18.00 1.47 29.38
CA HIS B 329 -18.04 2.34 30.54
C HIS B 329 -17.19 3.60 30.44
N GLY B 330 -16.13 3.54 29.63
CA GLY B 330 -15.26 4.69 29.50
C GLY B 330 -15.10 5.18 28.08
N ARG B 332 -11.70 6.52 25.12
CA ARG B 332 -10.27 6.71 24.88
C ARG B 332 -10.13 8.13 24.35
N ILE B 333 -9.42 8.96 25.11
CA ILE B 333 -9.20 10.35 24.73
C ILE B 333 -7.76 10.55 24.30
N SER B 334 -7.57 10.98 23.05
CA SER B 334 -6.23 11.22 22.54
C SER B 334 -5.69 12.50 23.16
N ILE B 335 -4.37 12.58 23.28
CA ILE B 335 -3.75 13.77 23.85
C ILE B 335 -3.42 14.79 22.76
N GLY B 336 -4.12 15.92 22.79
CA GLY B 336 -3.90 16.97 21.80
C GLY B 336 -2.99 18.06 22.38
N THR B 337 -3.11 19.27 21.85
CA THR B 337 -2.29 20.38 22.36
C THR B 337 -2.78 20.70 23.76
N ARG B 338 -1.93 21.36 24.55
CA ARG B 338 -2.32 21.72 25.90
C ARG B 338 -3.61 22.56 25.86
N GLU B 339 -3.70 23.45 24.89
CA GLU B 339 -4.89 24.30 24.73
C GLU B 339 -6.13 23.45 24.45
N GLU B 340 -5.99 22.44 23.59
CA GLU B 340 -7.12 21.59 23.27
C GLU B 340 -7.56 20.80 24.50
N GLU B 342 -7.21 21.78 27.59
CA GLU B 342 -7.78 22.69 28.55
C GLU B 342 -9.26 22.89 28.16
N GLN B 343 -9.52 22.97 26.87
CA GLN B 343 -10.90 23.13 26.40
C GLN B 343 -11.69 21.85 26.67
N THR B 344 -11.04 20.70 26.48
CA THR B 344 -11.71 19.42 26.70
C THR B 344 -12.05 19.26 28.17
N LEU B 345 -11.14 19.67 29.05
CA LEU B 345 -11.36 19.58 30.49
C LEU B 345 -12.53 20.48 30.87
N ALA B 346 -12.57 21.68 30.31
CA ALA B 346 -13.66 22.61 30.60
C ALA B 346 -14.99 21.99 30.21
N ALA B 347 -15.02 21.33 29.06
CA ALA B 347 -16.24 20.67 28.60
C ALA B 347 -16.64 19.55 29.55
N LEU B 348 -15.66 18.76 29.99
CA LEU B 348 -15.94 17.67 30.90
C LEU B 348 -16.49 18.18 32.24
N LYS B 349 -16.04 19.36 32.65
CA LYS B 349 -16.54 19.93 33.90
C LYS B 349 -17.98 20.40 33.74
N GLU B 350 -18.31 20.91 32.56
CA GLU B 350 -19.67 21.36 32.28
C GLU B 350 -20.60 20.17 32.22
N ILE B 351 -20.10 19.07 31.65
CA ILE B 351 -20.88 17.85 31.51
C ILE B 351 -21.22 17.24 32.87
N GLY B 352 -20.29 17.35 33.81
CA GLY B 352 -20.51 16.83 35.15
C GLY B 352 -20.61 15.33 35.33
#